data_2NS7
#
_entry.id   2NS7
#
_cell.length_a   107.910
_cell.length_b   107.910
_cell.length_c   303.940
_cell.angle_alpha   90.000
_cell.angle_beta   90.000
_cell.angle_gamma   120.000
#
_symmetry.space_group_name_H-M   'P 61 2 2'
#
_entity_poly.entity_id   1
_entity_poly.type   'polypeptide(L)'
_entity_poly.pdbx_seq_one_letter_code
;MSRLDKSKVINSALELLNEVGIEGLTTRKLAQKLGVEQPTLYWHVKNKRALLDALAIEMLDRHHTHFSPLEGESWQDFLR
NNAKSFRNALLSHRDGAKVHLGTRPTEKQYETLENQLAFLTQQGFSLENALYALSAVGHFTLGSVLEDQEHQVAKEERET
PTTDSMPPLLRQAIELFDHQGAEPAFLHGLESLIRGFEVQLTALLQIV
;
_entity_poly.pdbx_strand_id   A,B,C,D
#
# COMPACT_ATOMS: atom_id res chain seq x y z
N ASP A 5 -22.81 -25.25 -36.04
CA ASP A 5 -23.71 -24.90 -34.88
C ASP A 5 -22.88 -24.62 -33.61
N LYS A 6 -23.53 -24.17 -32.55
CA LYS A 6 -22.82 -23.72 -31.35
C LYS A 6 -22.32 -24.90 -30.50
N SER A 7 -23.03 -26.03 -30.52
CA SER A 7 -22.60 -27.24 -29.79
C SER A 7 -21.23 -27.73 -30.24
N LYS A 8 -21.04 -27.75 -31.56
CA LYS A 8 -19.76 -28.14 -32.15
C LYS A 8 -18.65 -27.21 -31.67
N VAL A 9 -18.91 -25.90 -31.71
CA VAL A 9 -17.93 -24.90 -31.32
C VAL A 9 -17.56 -25.06 -29.85
N ILE A 10 -18.58 -25.26 -29.01
CA ILE A 10 -18.34 -25.33 -27.57
C ILE A 10 -17.59 -26.59 -27.17
N ASN A 11 -18.04 -27.75 -27.65
CA ASN A 11 -17.34 -29.00 -27.38
C ASN A 11 -15.88 -28.96 -27.84
N SER A 12 -15.67 -28.48 -29.05
CA SER A 12 -14.33 -28.29 -29.59
C SER A 12 -13.51 -27.31 -28.75
N ALA A 13 -14.17 -26.28 -28.22
CA ALA A 13 -13.52 -25.29 -27.37
C ALA A 13 -13.10 -25.91 -26.04
N LEU A 14 -13.95 -26.79 -25.49
CA LEU A 14 -13.67 -27.51 -24.23
C LEU A 14 -12.47 -28.46 -24.35
N GLU A 15 -12.38 -29.16 -25.49
CA GLU A 15 -11.22 -30.01 -25.78
C GLU A 15 -9.95 -29.19 -25.84
N LEU A 16 -10.01 -28.07 -26.57
CA LEU A 16 -8.85 -27.20 -26.75
C LEU A 16 -8.36 -26.67 -25.42
N LEU A 17 -9.29 -26.27 -24.57
CA LEU A 17 -9.02 -25.87 -23.19
C LEU A 17 -8.25 -26.95 -22.43
N ASN A 18 -8.79 -28.17 -22.45
CA ASN A 18 -8.11 -29.32 -21.85
C ASN A 18 -6.72 -29.58 -22.46
N GLU A 19 -6.58 -29.34 -23.76
CA GLU A 19 -5.29 -29.53 -24.43
C GLU A 19 -4.28 -28.44 -24.08
N VAL A 20 -4.70 -27.17 -24.18
CA VAL A 20 -3.74 -26.06 -24.12
C VAL A 20 -3.87 -25.13 -22.91
N GLY A 21 -4.95 -25.26 -22.15
CA GLY A 21 -5.18 -24.41 -20.98
C GLY A 21 -5.77 -23.05 -21.37
N ILE A 22 -6.14 -22.28 -20.34
CA ILE A 22 -6.80 -20.99 -20.54
C ILE A 22 -5.88 -20.03 -21.30
N GLU A 23 -4.58 -20.14 -21.10
CA GLU A 23 -3.64 -19.22 -21.72
C GLU A 23 -3.34 -19.56 -23.19
N GLY A 24 -3.22 -20.85 -23.51
CA GLY A 24 -3.06 -21.28 -24.89
C GLY A 24 -4.32 -21.13 -25.71
N LEU A 25 -5.46 -21.05 -25.03
CA LEU A 25 -6.75 -20.95 -25.71
C LEU A 25 -6.85 -19.61 -26.43
N THR A 26 -7.03 -19.65 -27.75
CA THR A 26 -7.40 -18.48 -28.53
C THR A 26 -8.48 -18.85 -29.54
N THR A 27 -9.19 -17.84 -30.03
CA THR A 27 -10.19 -18.05 -31.07
C THR A 27 -9.52 -18.43 -32.40
N ARG A 28 -8.31 -17.93 -32.61
CA ARG A 28 -7.48 -18.32 -33.75
C ARG A 28 -7.16 -19.81 -33.71
N LYS A 29 -6.60 -20.28 -32.59
CA LYS A 29 -6.38 -21.72 -32.40
C LYS A 29 -7.67 -22.53 -32.59
N LEU A 30 -8.79 -22.02 -32.09
CA LEU A 30 -10.08 -22.73 -32.16
C LEU A 30 -10.59 -22.82 -33.60
N ALA A 31 -10.31 -21.77 -34.39
CA ALA A 31 -10.75 -21.72 -35.76
C ALA A 31 -9.96 -22.74 -36.56
N GLN A 32 -8.63 -22.73 -36.39
CA GLN A 32 -7.78 -23.67 -37.12
C GLN A 32 -7.87 -25.11 -36.55
N LYS A 33 -8.43 -25.27 -35.35
CA LYS A 33 -8.81 -26.59 -34.83
C LYS A 33 -10.05 -27.08 -35.58
N LEU A 34 -11.09 -26.25 -35.60
CA LEU A 34 -12.31 -26.53 -36.37
C LEU A 34 -11.93 -26.45 -37.83
N GLY A 35 -12.87 -26.58 -38.73
CA GLY A 35 -12.52 -26.52 -40.13
C GLY A 35 -12.23 -25.14 -40.68
N VAL A 36 -12.61 -24.13 -39.92
CA VAL A 36 -13.11 -22.89 -40.48
C VAL A 36 -12.18 -21.67 -40.45
N GLU A 37 -12.57 -20.69 -41.24
CA GLU A 37 -11.93 -19.40 -41.27
C GLU A 37 -12.36 -18.62 -40.04
N GLN A 38 -11.54 -17.66 -39.64
CA GLN A 38 -11.78 -16.90 -38.43
C GLN A 38 -13.11 -16.10 -38.45
N PRO A 39 -13.41 -15.41 -39.57
CA PRO A 39 -14.70 -14.70 -39.74
C PRO A 39 -15.96 -15.60 -39.63
N THR A 40 -15.82 -16.87 -39.96
CA THR A 40 -16.88 -17.86 -39.77
C THR A 40 -17.14 -18.08 -38.28
N LEU A 41 -16.08 -18.26 -37.52
CA LEU A 41 -16.17 -18.46 -36.08
C LEU A 41 -16.68 -17.21 -35.37
N TYR A 42 -16.36 -16.06 -35.92
CA TYR A 42 -16.70 -14.78 -35.30
C TYR A 42 -18.18 -14.71 -34.95
N TRP A 43 -19.03 -15.20 -35.85
CA TRP A 43 -20.49 -15.19 -35.63
C TRP A 43 -20.94 -16.13 -34.48
N HIS A 44 -20.07 -17.05 -34.06
CA HIS A 44 -20.35 -17.85 -32.87
C HIS A 44 -19.71 -17.23 -31.64
N VAL A 45 -18.45 -16.82 -31.73
CA VAL A 45 -17.74 -16.15 -30.62
C VAL A 45 -16.86 -15.00 -31.11
N LYS A 46 -17.14 -13.81 -30.59
CA LYS A 46 -16.53 -12.54 -31.04
C LYS A 46 -15.03 -12.54 -30.79
N ASN A 47 -14.68 -13.03 -29.60
CA ASN A 47 -13.35 -12.84 -29.06
C ASN A 47 -13.15 -13.76 -27.87
N LYS A 48 -11.95 -13.77 -27.31
CA LYS A 48 -11.62 -14.72 -26.24
C LYS A 48 -12.53 -14.55 -25.03
N ARG A 49 -12.82 -13.32 -24.66
CA ARG A 49 -13.70 -13.02 -23.54
C ARG A 49 -15.09 -13.65 -23.72
N ALA A 50 -15.66 -13.51 -24.92
CA ALA A 50 -16.94 -14.17 -25.25
C ALA A 50 -16.84 -15.70 -25.20
N LEU A 51 -15.73 -16.26 -25.69
CA LEU A 51 -15.51 -17.72 -25.68
C LEU A 51 -15.48 -18.24 -24.26
N LEU A 52 -14.63 -17.62 -23.44
CA LEU A 52 -14.54 -17.95 -22.02
C LEU A 52 -15.85 -17.82 -21.26
N ASP A 53 -16.64 -16.78 -21.57
CA ASP A 53 -18.01 -16.68 -21.02
C ASP A 53 -18.84 -17.91 -21.37
N ALA A 54 -18.84 -18.28 -22.65
CA ALA A 54 -19.59 -19.43 -23.15
C ALA A 54 -19.16 -20.78 -22.50
N LEU A 55 -17.85 -20.96 -22.32
CA LEU A 55 -17.30 -22.16 -21.65
C LEU A 55 -17.64 -22.20 -20.18
N ALA A 56 -17.52 -21.06 -19.49
CA ALA A 56 -17.86 -20.98 -18.09
C ALA A 56 -19.33 -21.32 -17.90
N ILE A 57 -20.17 -20.75 -18.75
CA ILE A 57 -21.61 -20.98 -18.72
C ILE A 57 -21.93 -22.43 -19.04
N GLU A 58 -21.22 -23.02 -20.00
CA GLU A 58 -21.42 -24.45 -20.31
C GLU A 58 -21.05 -25.37 -19.15
N MET A 59 -19.93 -25.12 -18.46
CA MET A 59 -19.55 -25.97 -17.32
C MET A 59 -20.60 -25.92 -16.20
N LEU A 60 -21.23 -24.75 -16.05
CA LEU A 60 -22.27 -24.54 -15.04
C LEU A 60 -23.56 -25.25 -15.40
N ASP A 61 -24.07 -25.07 -16.63
CA ASP A 61 -25.25 -25.81 -17.13
C ASP A 61 -25.08 -27.32 -16.93
N ARG A 62 -23.99 -27.86 -17.48
CA ARG A 62 -23.66 -29.28 -17.38
C ARG A 62 -23.53 -29.81 -15.95
N HIS A 63 -22.72 -29.13 -15.13
CA HIS A 63 -22.31 -29.67 -13.82
C HIS A 63 -22.80 -28.96 -12.57
N HIS A 64 -23.03 -27.64 -12.62
CA HIS A 64 -23.60 -26.96 -11.44
C HIS A 64 -25.10 -27.20 -11.46
N THR A 65 -25.53 -28.34 -10.88
CA THR A 65 -26.91 -28.80 -10.93
C THR A 65 -27.73 -28.53 -9.65
N HIS A 66 -27.06 -28.15 -8.57
CA HIS A 66 -27.72 -28.02 -7.27
C HIS A 66 -27.73 -26.57 -6.84
N PHE A 67 -28.34 -25.73 -7.66
CA PHE A 67 -28.40 -24.28 -7.42
C PHE A 67 -29.65 -23.89 -6.61
N SER A 68 -30.67 -24.76 -6.60
CA SER A 68 -31.86 -24.53 -5.78
C SER A 68 -32.10 -25.67 -4.79
N PRO A 69 -32.62 -25.35 -3.59
CA PRO A 69 -32.83 -26.42 -2.63
C PRO A 69 -33.86 -27.41 -3.12
N LEU A 70 -33.58 -28.69 -2.97
CA LEU A 70 -34.61 -29.70 -3.19
C LEU A 70 -35.38 -29.74 -1.88
N GLU A 71 -36.69 -29.52 -1.91
CA GLU A 71 -37.39 -29.23 -0.65
C GLU A 71 -37.54 -30.49 0.22
N GLY A 72 -37.70 -30.23 1.51
CA GLY A 72 -37.32 -31.18 2.55
C GLY A 72 -35.93 -30.81 3.05
N GLU A 73 -35.09 -30.35 2.13
CA GLU A 73 -33.66 -30.19 2.38
C GLU A 73 -33.39 -29.06 3.36
N SER A 74 -32.51 -29.35 4.32
CA SER A 74 -32.09 -28.37 5.28
C SER A 74 -31.26 -27.31 4.57
N TRP A 75 -31.21 -26.11 5.14
CA TRP A 75 -30.47 -25.04 4.53
C TRP A 75 -28.98 -25.40 4.50
N GLN A 76 -28.55 -26.14 5.53
CA GLN A 76 -27.18 -26.63 5.66
C GLN A 76 -26.82 -27.55 4.51
N ASP A 77 -27.66 -28.55 4.28
CA ASP A 77 -27.45 -29.53 3.21
C ASP A 77 -27.48 -28.83 1.85
N PHE A 78 -28.39 -27.86 1.68
CA PHE A 78 -28.43 -27.10 0.45
C PHE A 78 -27.13 -26.37 0.20
N LEU A 79 -26.65 -25.68 1.22
CA LEU A 79 -25.39 -24.93 1.12
C LEU A 79 -24.21 -25.88 0.76
N ARG A 80 -24.17 -27.07 1.40
CA ARG A 80 -23.18 -28.10 1.07
C ARG A 80 -23.26 -28.56 -0.39
N ASN A 81 -24.46 -28.94 -0.79
CA ASN A 81 -24.66 -29.52 -2.09
C ASN A 81 -24.46 -28.49 -3.18
N ASN A 82 -24.84 -27.24 -2.91
CA ASN A 82 -24.63 -26.15 -3.86
C ASN A 82 -23.15 -25.88 -4.08
N ALA A 83 -22.41 -25.81 -2.98
CA ALA A 83 -20.96 -25.61 -3.03
C ALA A 83 -20.18 -26.76 -3.71
N LYS A 84 -20.58 -28.01 -3.45
CA LYS A 84 -19.96 -29.16 -4.10
C LYS A 84 -20.28 -29.20 -5.61
N SER A 85 -21.50 -28.82 -5.94
CA SER A 85 -21.98 -28.77 -7.32
C SER A 85 -21.18 -27.74 -8.12
N PHE A 86 -21.04 -26.56 -7.52
CA PHE A 86 -20.27 -25.47 -8.07
C PHE A 86 -18.81 -25.90 -8.23
N ARG A 87 -18.25 -26.57 -7.21
CA ARG A 87 -16.88 -27.04 -7.31
C ARG A 87 -16.68 -28.03 -8.47
N ASN A 88 -17.63 -28.94 -8.65
CA ASN A 88 -17.61 -29.90 -9.76
C ASN A 88 -17.55 -29.23 -11.13
N ALA A 89 -18.33 -28.16 -11.30
CA ALA A 89 -18.31 -27.41 -12.56
C ALA A 89 -16.92 -26.80 -12.82
N LEU A 90 -16.31 -26.23 -11.78
CA LEU A 90 -15.01 -25.59 -11.91
C LEU A 90 -13.91 -26.61 -12.20
N LEU A 91 -13.99 -27.76 -11.53
CA LEU A 91 -13.06 -28.87 -11.74
C LEU A 91 -13.31 -29.70 -13.00
N SER A 92 -14.39 -29.44 -13.73
CA SER A 92 -14.78 -30.31 -14.84
C SER A 92 -13.80 -30.25 -16.02
N HIS A 93 -13.11 -29.13 -16.16
CA HIS A 93 -12.15 -28.93 -17.25
C HIS A 93 -10.94 -28.22 -16.73
N ARG A 94 -9.83 -28.39 -17.44
CA ARG A 94 -8.59 -27.67 -17.16
C ARG A 94 -8.86 -26.18 -17.04
N ASP A 95 -8.35 -25.58 -15.97
CA ASP A 95 -8.41 -24.15 -15.69
C ASP A 95 -9.83 -23.65 -15.56
N GLY A 96 -10.74 -24.55 -15.16
CA GLY A 96 -12.16 -24.21 -15.02
C GLY A 96 -12.39 -23.01 -14.11
N ALA A 97 -11.62 -22.93 -13.03
CA ALA A 97 -11.84 -21.86 -12.06
C ALA A 97 -11.40 -20.52 -12.64
N LYS A 98 -10.29 -20.52 -13.38
CA LYS A 98 -9.83 -19.32 -14.07
C LYS A 98 -10.79 -18.96 -15.19
N VAL A 99 -11.35 -19.95 -15.87
CA VAL A 99 -12.36 -19.70 -16.91
C VAL A 99 -13.58 -18.99 -16.31
N HIS A 100 -13.95 -19.43 -15.10
CA HIS A 100 -15.09 -18.87 -14.37
C HIS A 100 -14.86 -17.41 -13.96
N LEU A 101 -13.71 -17.14 -13.36
CA LEU A 101 -13.28 -15.78 -13.00
C LEU A 101 -13.53 -14.74 -14.09
N GLY A 102 -14.22 -13.66 -13.73
CA GLY A 102 -14.43 -12.55 -14.68
C GLY A 102 -15.49 -12.76 -15.74
N THR A 103 -16.31 -13.78 -15.53
CA THR A 103 -17.53 -14.06 -16.30
C THR A 103 -18.64 -13.22 -15.67
N ARG A 104 -19.49 -12.58 -16.45
CA ARG A 104 -20.57 -11.83 -15.81
C ARG A 104 -21.77 -12.73 -15.64
N PRO A 105 -22.59 -12.46 -14.61
CA PRO A 105 -23.70 -13.36 -14.36
C PRO A 105 -24.86 -13.13 -15.33
N THR A 106 -25.51 -14.24 -15.70
CA THR A 106 -26.71 -14.19 -16.53
C THR A 106 -27.87 -13.68 -15.69
N GLU A 107 -28.96 -13.33 -16.36
CA GLU A 107 -30.20 -13.00 -15.65
C GLU A 107 -30.73 -14.22 -14.86
N LYS A 108 -30.53 -15.44 -15.39
CA LYS A 108 -30.97 -16.64 -14.68
C LYS A 108 -30.22 -16.80 -13.36
N GLN A 109 -28.93 -16.51 -13.36
CA GLN A 109 -28.13 -16.63 -12.14
C GLN A 109 -28.56 -15.63 -11.06
N TYR A 110 -28.91 -14.43 -11.49
CA TYR A 110 -29.57 -13.45 -10.62
C TYR A 110 -30.92 -13.93 -10.10
N GLU A 111 -31.72 -14.54 -10.98
CA GLU A 111 -32.97 -15.17 -10.57
C GLU A 111 -32.73 -16.26 -9.52
N THR A 112 -31.66 -17.03 -9.71
CA THR A 112 -31.24 -18.03 -8.73
C THR A 112 -30.84 -17.38 -7.40
N LEU A 113 -30.14 -16.26 -7.47
CA LEU A 113 -29.70 -15.56 -6.24
C LEU A 113 -30.94 -15.13 -5.42
N GLU A 114 -31.96 -14.61 -6.10
CA GLU A 114 -33.24 -14.24 -5.46
C GLU A 114 -33.79 -15.39 -4.62
N ASN A 115 -33.91 -16.56 -5.26
CA ASN A 115 -34.52 -17.75 -4.66
C ASN A 115 -33.79 -18.24 -3.45
N GLN A 116 -32.46 -18.24 -3.55
CA GLN A 116 -31.55 -18.63 -2.45
C GLN A 116 -31.64 -17.68 -1.23
N LEU A 117 -31.61 -16.38 -1.48
CA LEU A 117 -31.85 -15.38 -0.43
C LEU A 117 -33.22 -15.57 0.21
N ALA A 118 -34.27 -15.78 -0.60
CA ALA A 118 -35.62 -16.04 -0.08
C ALA A 118 -35.63 -17.28 0.83
N PHE A 119 -34.91 -18.31 0.39
CA PHE A 119 -34.85 -19.57 1.11
C PHE A 119 -34.14 -19.44 2.46
N LEU A 120 -32.98 -18.80 2.49
CA LEU A 120 -32.23 -18.63 3.75
C LEU A 120 -32.89 -17.67 4.72
N THR A 121 -33.51 -16.60 4.20
CA THR A 121 -34.24 -15.70 5.09
C THR A 121 -35.42 -16.39 5.78
N GLN A 122 -36.10 -17.25 5.03
CA GLN A 122 -37.18 -18.07 5.56
C GLN A 122 -36.72 -18.94 6.74
N GLN A 123 -35.42 -19.22 6.86
CA GLN A 123 -34.88 -19.96 8.00
C GLN A 123 -34.51 -19.05 9.19
N GLY A 124 -34.66 -17.74 9.03
CA GLY A 124 -34.38 -16.81 10.15
C GLY A 124 -33.16 -15.92 9.99
N PHE A 125 -32.42 -16.10 8.90
CA PHE A 125 -31.26 -15.25 8.60
C PHE A 125 -31.71 -13.91 8.10
N SER A 126 -31.14 -12.84 8.66
CA SER A 126 -31.28 -11.52 8.04
C SER A 126 -30.85 -11.62 6.58
N LEU A 127 -31.34 -10.71 5.77
CA LEU A 127 -30.96 -10.65 4.36
C LEU A 127 -29.42 -10.51 4.24
N GLU A 128 -28.85 -9.54 4.96
CA GLU A 128 -27.40 -9.34 5.02
C GLU A 128 -26.64 -10.63 5.38
N ASN A 129 -27.10 -11.34 6.41
CA ASN A 129 -26.52 -12.66 6.72
C ASN A 129 -26.72 -13.70 5.61
N ALA A 130 -27.90 -13.74 5.01
CA ALA A 130 -28.14 -14.64 3.84
C ALA A 130 -27.13 -14.36 2.73
N LEU A 131 -26.99 -13.07 2.42
CA LEU A 131 -26.21 -12.65 1.26
C LEU A 131 -24.72 -12.93 1.50
N TYR A 132 -24.24 -12.59 2.70
CA TYR A 132 -22.84 -12.74 3.00
C TYR A 132 -22.50 -14.24 3.16
N ALA A 133 -23.43 -15.04 3.65
CA ALA A 133 -23.23 -16.48 3.74
C ALA A 133 -23.01 -17.07 2.37
N LEU A 134 -23.86 -16.70 1.41
CA LEU A 134 -23.74 -17.18 0.04
C LEU A 134 -22.42 -16.73 -0.59
N SER A 135 -22.01 -15.49 -0.39
CA SER A 135 -20.76 -15.07 -1.01
C SER A 135 -19.58 -15.79 -0.37
N ALA A 136 -19.61 -15.93 0.95
CA ALA A 136 -18.51 -16.63 1.65
C ALA A 136 -18.30 -18.03 1.07
N VAL A 137 -19.38 -18.76 0.88
CA VAL A 137 -19.32 -20.11 0.32
C VAL A 137 -18.77 -20.07 -1.11
N GLY A 138 -19.29 -19.16 -1.93
CA GLY A 138 -18.81 -19.04 -3.29
C GLY A 138 -17.35 -18.66 -3.37
N HIS A 139 -16.93 -17.67 -2.59
CA HIS A 139 -15.54 -17.21 -2.57
C HIS A 139 -14.53 -18.26 -2.04
N PHE A 140 -14.90 -18.93 -0.95
CA PHE A 140 -14.13 -20.06 -0.43
C PHE A 140 -13.97 -21.13 -1.50
N THR A 141 -15.08 -21.50 -2.17
CA THR A 141 -15.04 -22.57 -3.15
C THR A 141 -14.17 -22.19 -4.33
N LEU A 142 -14.33 -20.98 -4.84
CA LEU A 142 -13.56 -20.54 -6.00
C LEU A 142 -12.08 -20.55 -5.69
N GLY A 143 -11.72 -19.89 -4.59
CA GLY A 143 -10.33 -19.85 -4.11
C GLY A 143 -9.70 -21.22 -3.94
N SER A 144 -10.48 -22.19 -3.47
CA SER A 144 -9.97 -23.56 -3.26
C SER A 144 -9.59 -24.24 -4.56
N VAL A 145 -10.52 -24.24 -5.49
CA VAL A 145 -10.28 -24.87 -6.78
C VAL A 145 -9.14 -24.17 -7.50
N LEU A 146 -9.11 -22.84 -7.46
CA LEU A 146 -8.00 -22.10 -8.03
C LEU A 146 -6.65 -22.63 -7.52
N GLU A 147 -6.45 -22.70 -6.21
CA GLU A 147 -5.12 -23.10 -5.72
C GLU A 147 -4.89 -24.59 -5.96
N ASP A 148 -5.98 -25.36 -6.00
CA ASP A 148 -5.94 -26.78 -6.32
C ASP A 148 -5.48 -27.03 -7.75
N GLN A 149 -6.17 -26.42 -8.71
CA GLN A 149 -5.79 -26.53 -10.11
C GLN A 149 -4.40 -25.92 -10.31
N GLU A 150 -4.17 -24.76 -9.71
CA GLU A 150 -2.84 -24.13 -9.71
C GLU A 150 -1.73 -25.06 -9.19
N HIS A 151 -2.03 -25.82 -8.13
CA HIS A 151 -1.10 -26.82 -7.60
C HIS A 151 -0.99 -28.03 -8.54
N GLN A 152 -2.10 -28.44 -9.16
CA GLN A 152 -2.06 -29.57 -10.09
C GLN A 152 -1.03 -29.29 -11.18
N VAL A 153 -1.03 -28.08 -11.72
CA VAL A 153 -0.05 -27.70 -12.73
C VAL A 153 1.36 -28.12 -12.27
N ALA A 154 1.72 -27.79 -11.04
CA ALA A 154 3.04 -28.12 -10.48
C ALA A 154 3.52 -29.54 -10.84
N LYS A 155 4.20 -29.64 -11.97
CA LYS A 155 4.77 -30.89 -12.50
C LYS A 155 5.75 -30.61 -13.65
N THR A 162 9.94 -29.71 -2.71
CA THR A 162 10.61 -30.95 -2.29
C THR A 162 10.33 -31.25 -0.81
N THR A 163 9.32 -32.10 -0.59
CA THR A 163 8.84 -32.53 0.74
C THR A 163 9.95 -32.85 1.75
N ASP A 164 10.92 -33.67 1.35
CA ASP A 164 11.95 -34.13 2.28
C ASP A 164 12.96 -33.04 2.67
N SER A 165 12.98 -31.93 1.94
CA SER A 165 13.78 -30.76 2.31
C SER A 165 12.88 -29.57 2.63
N MET A 166 12.44 -29.51 3.88
CA MET A 166 11.67 -28.38 4.44
C MET A 166 11.42 -28.69 5.94
N PRO A 167 10.86 -27.72 6.70
CA PRO A 167 10.85 -27.91 8.16
C PRO A 167 9.79 -28.92 8.65
N PRO A 168 9.94 -29.45 9.88
CA PRO A 168 9.22 -30.60 10.44
C PRO A 168 7.70 -30.64 10.22
N LEU A 169 6.96 -29.71 10.80
CA LEU A 169 5.50 -29.72 10.75
C LEU A 169 4.98 -29.53 9.34
N LEU A 170 5.57 -28.57 8.64
CA LEU A 170 5.22 -28.27 7.28
C LEU A 170 5.47 -29.48 6.37
N ARG A 171 6.60 -30.15 6.59
CA ARG A 171 6.93 -31.38 5.90
C ARG A 171 5.83 -32.44 6.07
N GLN A 172 5.38 -32.63 7.31
CA GLN A 172 4.28 -33.54 7.63
C GLN A 172 2.95 -33.07 7.04
N ALA A 173 2.71 -31.75 7.12
CA ALA A 173 1.48 -31.14 6.65
C ALA A 173 1.29 -31.32 5.16
N ILE A 174 2.34 -31.10 4.38
CA ILE A 174 2.27 -31.20 2.92
C ILE A 174 2.18 -32.65 2.44
N GLU A 175 2.98 -33.53 3.04
CA GLU A 175 2.85 -34.98 2.85
C GLU A 175 1.42 -35.44 3.06
N LEU A 176 0.77 -34.87 4.07
CA LEU A 176 -0.66 -35.13 4.35
C LEU A 176 -1.52 -34.66 3.17
N PHE A 177 -1.21 -33.48 2.64
CA PHE A 177 -1.98 -32.91 1.53
C PHE A 177 -1.91 -33.80 0.28
N ASP A 178 -0.74 -34.34 -0.03
CA ASP A 178 -0.61 -35.22 -1.18
C ASP A 178 -1.38 -36.54 -1.01
N HIS A 179 -1.24 -37.19 0.15
CA HIS A 179 -2.02 -38.40 0.46
C HIS A 179 -3.52 -38.19 0.16
N GLN A 180 -4.20 -37.49 1.06
CA GLN A 180 -5.62 -37.18 0.91
C GLN A 180 -5.71 -35.88 0.12
N GLY A 181 -5.97 -35.95 -1.18
CA GLY A 181 -5.83 -34.81 -2.10
C GLY A 181 -6.29 -33.43 -1.64
N ALA A 182 -7.18 -32.80 -2.41
CA ALA A 182 -7.66 -31.45 -2.11
C ALA A 182 -9.05 -31.45 -1.47
N GLU A 183 -9.79 -32.53 -1.67
CA GLU A 183 -11.20 -32.59 -1.30
C GLU A 183 -11.45 -32.48 0.20
N PRO A 184 -10.65 -33.21 1.02
CA PRO A 184 -10.91 -33.12 2.46
C PRO A 184 -10.76 -31.71 3.03
N ALA A 185 -9.77 -30.95 2.59
CA ALA A 185 -9.63 -29.56 3.06
C ALA A 185 -10.88 -28.75 2.68
N PHE A 186 -11.42 -29.03 1.50
CA PHE A 186 -12.58 -28.30 1.01
C PHE A 186 -13.83 -28.61 1.81
N LEU A 187 -14.11 -29.89 2.00
CA LEU A 187 -15.20 -30.34 2.86
C LEU A 187 -15.14 -29.74 4.27
N HIS A 188 -13.94 -29.70 4.86
CA HIS A 188 -13.76 -29.21 6.23
C HIS A 188 -13.99 -27.71 6.35
N GLY A 189 -13.47 -26.95 5.39
CA GLY A 189 -13.70 -25.52 5.34
C GLY A 189 -15.17 -25.19 5.09
N LEU A 190 -15.86 -26.07 4.34
CA LEU A 190 -17.28 -25.91 4.07
C LEU A 190 -18.13 -26.13 5.34
N GLU A 191 -17.80 -27.16 6.12
CA GLU A 191 -18.37 -27.30 7.46
C GLU A 191 -18.09 -26.06 8.36
N SER A 192 -16.84 -25.58 8.41
CA SER A 192 -16.53 -24.42 9.25
C SER A 192 -17.43 -23.18 8.94
N LEU A 193 -17.59 -22.86 7.67
CA LEU A 193 -18.55 -21.81 7.28
C LEU A 193 -19.94 -22.11 7.79
N ILE A 194 -20.38 -23.35 7.64
CA ILE A 194 -21.74 -23.73 8.02
C ILE A 194 -22.00 -23.63 9.52
N ARG A 195 -21.05 -24.05 10.36
CA ARG A 195 -21.11 -23.84 11.80
C ARG A 195 -21.12 -22.34 12.18
N GLY A 196 -20.20 -21.57 11.63
CA GLY A 196 -20.23 -20.11 11.83
C GLY A 196 -21.60 -19.54 11.53
N PHE A 197 -22.22 -19.99 10.44
CA PHE A 197 -23.57 -19.55 10.09
C PHE A 197 -24.60 -19.95 11.15
N GLU A 198 -24.57 -21.22 11.58
CA GLU A 198 -25.48 -21.75 12.59
C GLU A 198 -25.40 -20.97 13.88
N VAL A 199 -24.20 -20.53 14.25
CA VAL A 199 -23.98 -19.71 15.43
C VAL A 199 -24.69 -18.35 15.28
N GLN A 200 -24.58 -17.76 14.10
CA GLN A 200 -25.36 -16.56 13.82
C GLN A 200 -26.85 -16.81 13.96
N LEU A 201 -27.30 -18.01 13.55
CA LEU A 201 -28.73 -18.33 13.56
C LEU A 201 -29.28 -18.33 14.98
N THR A 202 -28.44 -18.76 15.94
CA THR A 202 -28.80 -18.84 17.36
C THR A 202 -28.44 -17.59 18.17
N ALA A 203 -27.99 -16.52 17.50
CA ALA A 203 -27.65 -15.28 18.19
C ALA A 203 -28.94 -14.53 18.51
N LEU A 204 -28.99 -13.89 19.67
CA LEU A 204 -30.14 -13.08 20.04
C LEU A 204 -30.29 -11.94 19.05
N LEU A 205 -29.15 -11.40 18.61
CA LEU A 205 -29.12 -10.31 17.66
C LEU A 205 -28.16 -10.59 16.52
N GLN A 206 -28.71 -10.77 15.33
CA GLN A 206 -27.89 -10.94 14.14
C GLN A 206 -27.38 -9.58 13.69
N ARG B 3 21.11 -7.97 -8.51
CA ARG B 3 19.77 -8.41 -8.04
C ARG B 3 18.69 -7.45 -8.53
N LEU B 4 17.46 -7.96 -8.65
CA LEU B 4 16.29 -7.12 -8.82
C LEU B 4 16.22 -6.00 -7.76
N ASP B 5 16.75 -6.29 -6.56
CA ASP B 5 16.93 -5.33 -5.44
C ASP B 5 17.57 -4.01 -5.83
N LYS B 6 18.63 -4.10 -6.62
CA LYS B 6 19.43 -2.95 -6.99
C LYS B 6 18.99 -2.33 -8.31
N SER B 7 17.86 -2.81 -8.86
CA SER B 7 17.34 -2.34 -10.13
C SER B 7 15.98 -1.68 -9.96
N LYS B 8 15.53 -0.98 -11.01
CA LYS B 8 14.20 -0.37 -11.00
C LYS B 8 13.16 -1.29 -11.66
N VAL B 9 13.55 -2.52 -11.93
CA VAL B 9 12.69 -3.49 -12.60
C VAL B 9 11.37 -3.71 -11.83
N ILE B 10 11.43 -3.88 -10.51
CA ILE B 10 10.22 -4.19 -9.73
C ILE B 10 9.29 -2.97 -9.64
N ASN B 11 9.85 -1.80 -9.36
CA ASN B 11 9.04 -0.58 -9.31
C ASN B 11 8.42 -0.26 -10.67
N SER B 12 9.17 -0.51 -11.72
CA SER B 12 8.72 -0.27 -13.08
C SER B 12 7.60 -1.25 -13.50
N ALA B 13 7.72 -2.51 -13.08
CA ALA B 13 6.69 -3.52 -13.36
C ALA B 13 5.41 -3.26 -12.55
N LEU B 14 5.58 -2.96 -11.27
CA LEU B 14 4.49 -2.56 -10.37
C LEU B 14 3.70 -1.36 -10.91
N GLU B 15 4.39 -0.41 -11.52
CA GLU B 15 3.73 0.73 -12.13
C GLU B 15 3.01 0.35 -13.40
N LEU B 16 3.64 -0.48 -14.22
CA LEU B 16 3.04 -0.96 -15.46
C LEU B 16 1.77 -1.78 -15.15
N LEU B 17 1.86 -2.59 -14.10
CA LEU B 17 0.73 -3.38 -13.62
C LEU B 17 -0.46 -2.48 -13.34
N ASN B 18 -0.22 -1.37 -12.62
CA ASN B 18 -1.31 -0.46 -12.29
C ASN B 18 -1.88 0.18 -13.56
N GLU B 19 -1.00 0.44 -14.53
CA GLU B 19 -1.37 1.13 -15.76
C GLU B 19 -2.16 0.21 -16.70
N VAL B 20 -1.73 -1.05 -16.85
CA VAL B 20 -2.34 -1.98 -17.82
C VAL B 20 -2.89 -3.29 -17.27
N GLY B 21 -2.64 -3.60 -15.99
CA GLY B 21 -3.15 -4.84 -15.42
C GLY B 21 -2.34 -6.05 -15.85
N ILE B 22 -2.58 -7.17 -15.16
CA ILE B 22 -1.78 -8.39 -15.37
C ILE B 22 -1.85 -8.91 -16.83
N GLU B 23 -2.93 -8.55 -17.52
CA GLU B 23 -3.14 -8.95 -18.91
C GLU B 23 -2.21 -8.24 -19.85
N GLY B 24 -2.16 -6.92 -19.73
CA GLY B 24 -1.35 -6.08 -20.61
C GLY B 24 0.12 -6.06 -20.21
N LEU B 25 0.42 -6.53 -19.02
CA LEU B 25 1.79 -6.59 -18.52
C LEU B 25 2.56 -7.71 -19.22
N THR B 26 3.46 -7.33 -20.10
CA THR B 26 4.37 -8.25 -20.75
C THR B 26 5.79 -7.79 -20.55
N THR B 27 6.70 -8.76 -20.55
CA THR B 27 8.10 -8.47 -20.48
C THR B 27 8.55 -7.52 -21.62
N ARG B 28 7.91 -7.60 -22.78
CA ARG B 28 8.19 -6.70 -23.89
C ARG B 28 7.90 -5.23 -23.53
N LYS B 29 6.71 -4.97 -22.98
CA LYS B 29 6.30 -3.61 -22.57
C LYS B 29 7.13 -3.08 -21.39
N LEU B 30 7.50 -3.99 -20.51
CA LEU B 30 8.32 -3.67 -19.36
C LEU B 30 9.71 -3.26 -19.84
N ALA B 31 10.30 -4.11 -20.69
CA ALA B 31 11.54 -3.74 -21.38
C ALA B 31 11.49 -2.38 -22.07
N GLN B 32 10.40 -2.07 -22.77
CA GLN B 32 10.29 -0.73 -23.39
C GLN B 32 10.18 0.33 -22.30
N LYS B 33 9.38 0.06 -21.25
CA LYS B 33 9.24 1.02 -20.16
C LYS B 33 10.62 1.37 -19.58
N LEU B 34 11.47 0.35 -19.45
CA LEU B 34 12.80 0.50 -18.85
C LEU B 34 13.83 1.15 -19.76
N GLY B 35 13.52 1.20 -21.06
CA GLY B 35 14.43 1.74 -22.04
C GLY B 35 15.52 0.76 -22.44
N VAL B 36 15.29 -0.53 -22.24
CA VAL B 36 16.30 -1.53 -22.58
C VAL B 36 15.71 -2.63 -23.46
N GLU B 37 16.57 -3.39 -24.10
CA GLU B 37 16.13 -4.49 -24.95
C GLU B 37 16.05 -5.74 -24.11
N GLN B 38 15.46 -6.77 -24.69
CA GLN B 38 15.00 -7.91 -23.93
C GLN B 38 16.09 -8.77 -23.27
N PRO B 39 17.20 -9.03 -23.99
CA PRO B 39 18.25 -9.83 -23.34
C PRO B 39 18.68 -9.29 -21.96
N THR B 40 18.73 -7.96 -21.82
CA THR B 40 19.05 -7.33 -20.54
C THR B 40 17.94 -7.51 -19.49
N LEU B 41 16.67 -7.34 -19.88
CA LEU B 41 15.58 -7.63 -18.95
C LEU B 41 15.59 -9.11 -18.55
N TYR B 42 15.91 -9.97 -19.51
CA TYR B 42 15.97 -11.43 -19.27
C TYR B 42 17.05 -11.80 -18.24
N TRP B 43 18.16 -11.06 -18.26
CA TRP B 43 19.21 -11.19 -17.27
C TRP B 43 18.70 -10.87 -15.87
N HIS B 44 17.70 -9.99 -15.76
CA HIS B 44 17.09 -9.61 -14.49
C HIS B 44 16.01 -10.61 -14.10
N VAL B 45 15.20 -11.00 -15.08
CA VAL B 45 14.12 -11.94 -14.83
C VAL B 45 13.74 -12.70 -16.13
N LYS B 46 13.57 -14.03 -16.01
CA LYS B 46 13.56 -14.93 -17.19
C LYS B 46 12.28 -14.94 -18.01
N ASN B 47 11.15 -14.80 -17.35
CA ASN B 47 9.86 -14.72 -18.03
C ASN B 47 8.78 -14.10 -17.14
N LYS B 48 7.61 -13.88 -17.73
CA LYS B 48 6.48 -13.30 -17.00
C LYS B 48 6.16 -14.04 -15.70
N ARG B 49 6.25 -15.37 -15.69
CA ARG B 49 5.89 -16.08 -14.44
C ARG B 49 6.87 -15.73 -13.35
N ALA B 50 8.16 -15.79 -13.64
CA ALA B 50 9.19 -15.36 -12.68
C ALA B 50 9.01 -13.88 -12.25
N LEU B 51 8.53 -13.04 -13.17
CA LEU B 51 8.24 -11.63 -12.84
C LEU B 51 7.08 -11.48 -11.85
N LEU B 52 5.98 -12.16 -12.15
CA LEU B 52 4.79 -12.14 -11.28
C LEU B 52 5.12 -12.66 -9.87
N ASP B 53 5.91 -13.72 -9.82
CA ASP B 53 6.44 -14.25 -8.57
C ASP B 53 7.11 -13.15 -7.75
N ALA B 54 8.06 -12.46 -8.37
CA ALA B 54 8.79 -11.37 -7.71
C ALA B 54 7.85 -10.24 -7.21
N LEU B 55 6.88 -9.90 -8.05
CA LEU B 55 5.89 -8.89 -7.74
C LEU B 55 5.02 -9.31 -6.57
N ALA B 56 4.53 -10.56 -6.62
CA ALA B 56 3.72 -11.15 -5.54
C ALA B 56 4.44 -11.04 -4.21
N ILE B 57 5.72 -11.39 -4.21
CA ILE B 57 6.55 -11.37 -2.99
C ILE B 57 6.85 -9.97 -2.50
N GLU B 58 7.02 -9.03 -3.44
CA GLU B 58 7.22 -7.62 -3.08
C GLU B 58 5.97 -7.02 -2.43
N MET B 59 4.81 -7.39 -2.94
CA MET B 59 3.52 -6.99 -2.35
C MET B 59 3.42 -7.51 -0.91
N LEU B 60 3.64 -8.81 -0.73
CA LEU B 60 3.75 -9.37 0.61
C LEU B 60 4.83 -8.67 1.43
N ASP B 61 6.02 -8.45 0.88
CA ASP B 61 7.09 -7.81 1.67
C ASP B 61 6.68 -6.41 2.11
N ARG B 62 6.07 -5.66 1.19
CA ARG B 62 5.70 -4.28 1.46
C ARG B 62 4.44 -4.13 2.34
N HIS B 63 3.45 -5.02 2.15
CA HIS B 63 2.11 -4.81 2.77
C HIS B 63 1.49 -5.99 3.54
N HIS B 64 2.25 -7.04 3.88
CA HIS B 64 1.69 -8.17 4.65
C HIS B 64 2.29 -8.23 6.05
N THR B 65 1.76 -7.36 6.92
CA THR B 65 2.25 -7.09 8.27
C THR B 65 2.13 -8.25 9.26
N HIS B 66 1.01 -8.99 9.23
CA HIS B 66 0.67 -9.86 10.36
C HIS B 66 0.74 -11.35 10.03
N PHE B 67 1.93 -11.77 9.60
CA PHE B 67 2.16 -13.13 9.15
C PHE B 67 2.44 -14.14 10.28
N SER B 68 3.04 -13.70 11.40
CA SER B 68 3.13 -14.52 12.61
C SER B 68 2.37 -13.87 13.77
N PRO B 69 1.98 -14.68 14.78
CA PRO B 69 1.18 -14.18 15.90
C PRO B 69 1.97 -13.41 16.95
N LEU B 70 1.50 -12.21 17.28
CA LEU B 70 1.96 -11.50 18.47
C LEU B 70 1.81 -12.47 19.64
N GLU B 71 2.81 -12.57 20.50
CA GLU B 71 2.66 -13.51 21.61
C GLU B 71 1.67 -12.92 22.62
N GLY B 72 0.92 -13.81 23.27
CA GLY B 72 -0.26 -13.41 24.03
C GLY B 72 -1.51 -13.27 23.17
N GLU B 73 -1.35 -13.10 21.88
CA GLU B 73 -2.52 -12.97 20.96
C GLU B 73 -3.24 -14.31 20.85
N SER B 74 -4.56 -14.26 20.86
CA SER B 74 -5.34 -15.50 20.71
C SER B 74 -5.19 -16.05 19.28
N TRP B 75 -5.45 -17.33 19.10
CA TRP B 75 -5.38 -17.93 17.79
C TRP B 75 -6.45 -17.31 16.89
N GLN B 76 -7.57 -16.89 17.48
CA GLN B 76 -8.66 -16.23 16.77
C GLN B 76 -8.20 -14.89 16.26
N ASP B 77 -7.59 -14.10 17.16
CA ASP B 77 -7.06 -12.78 16.76
C ASP B 77 -5.96 -12.90 15.70
N PHE B 78 -5.02 -13.83 15.90
CA PHE B 78 -3.99 -14.06 14.90
C PHE B 78 -4.58 -14.26 13.51
N LEU B 79 -5.54 -15.17 13.43
CA LEU B 79 -6.23 -15.51 12.17
C LEU B 79 -6.92 -14.31 11.53
N ARG B 80 -7.68 -13.54 12.32
CA ARG B 80 -8.33 -12.31 11.81
C ARG B 80 -7.33 -11.35 11.19
N ASN B 81 -6.30 -11.03 11.97
CA ASN B 81 -5.33 -10.03 11.59
C ASN B 81 -4.42 -10.49 10.46
N ASN B 82 -4.10 -11.78 10.46
CA ASN B 82 -3.37 -12.36 9.37
C ASN B 82 -4.12 -12.20 8.04
N ALA B 83 -5.41 -12.54 8.05
CA ALA B 83 -6.25 -12.48 6.85
C ALA B 83 -6.41 -11.05 6.36
N LYS B 84 -6.63 -10.11 7.28
CA LYS B 84 -6.77 -8.68 6.92
C LYS B 84 -5.51 -8.17 6.30
N SER B 85 -4.39 -8.61 6.85
CA SER B 85 -3.09 -8.18 6.40
C SER B 85 -2.81 -8.72 5.00
N PHE B 86 -3.12 -10.00 4.77
CA PHE B 86 -3.00 -10.63 3.46
C PHE B 86 -3.90 -9.90 2.44
N ARG B 87 -5.14 -9.64 2.84
CA ARG B 87 -6.06 -8.88 1.99
C ARG B 87 -5.47 -7.51 1.60
N ASN B 88 -4.96 -6.75 2.58
CA ASN B 88 -4.37 -5.43 2.29
C ASN B 88 -3.24 -5.55 1.26
N ALA B 89 -2.40 -6.58 1.40
CA ALA B 89 -1.36 -6.85 0.41
C ALA B 89 -1.93 -7.08 -1.00
N LEU B 90 -2.99 -7.88 -1.10
CA LEU B 90 -3.56 -8.23 -2.39
C LEU B 90 -4.22 -7.02 -3.06
N LEU B 91 -4.81 -6.14 -2.26
CA LEU B 91 -5.41 -4.92 -2.77
C LEU B 91 -4.40 -3.76 -3.00
N SER B 92 -3.14 -3.93 -2.61
CA SER B 92 -2.16 -2.85 -2.70
C SER B 92 -1.87 -2.44 -4.15
N HIS B 93 -2.03 -3.37 -5.10
CA HIS B 93 -1.92 -3.09 -6.52
C HIS B 93 -3.05 -3.71 -7.34
N ARG B 94 -3.23 -3.19 -8.56
CA ARG B 94 -4.18 -3.71 -9.54
C ARG B 94 -3.89 -5.17 -9.82
N ASP B 95 -4.94 -6.02 -9.72
CA ASP B 95 -4.88 -7.46 -10.01
C ASP B 95 -3.92 -8.17 -9.08
N GLY B 96 -3.83 -7.65 -7.87
CA GLY B 96 -2.90 -8.19 -6.89
C GLY B 96 -3.16 -9.65 -6.59
N ALA B 97 -4.42 -10.05 -6.56
CA ALA B 97 -4.80 -11.44 -6.24
C ALA B 97 -4.46 -12.39 -7.39
N LYS B 98 -4.77 -12.00 -8.62
CA LYS B 98 -4.35 -12.74 -9.81
C LYS B 98 -2.81 -12.92 -9.91
N VAL B 99 -2.05 -11.91 -9.45
CA VAL B 99 -0.58 -11.96 -9.46
C VAL B 99 -0.07 -12.98 -8.45
N HIS B 100 -0.64 -12.95 -7.25
CA HIS B 100 -0.40 -13.94 -6.20
C HIS B 100 -0.65 -15.40 -6.65
N LEU B 101 -1.81 -15.66 -7.24
CA LEU B 101 -2.12 -17.00 -7.77
C LEU B 101 -0.93 -17.62 -8.51
N GLY B 102 -0.59 -18.84 -8.13
CA GLY B 102 0.50 -19.59 -8.77
C GLY B 102 1.89 -19.24 -8.28
N THR B 103 1.99 -18.45 -7.21
CA THR B 103 3.30 -18.03 -6.71
C THR B 103 3.93 -19.18 -5.92
N ARG B 104 5.23 -19.37 -6.12
CA ARG B 104 6.00 -20.41 -5.42
C ARG B 104 6.47 -19.80 -4.10
N PRO B 105 6.11 -20.41 -2.96
CA PRO B 105 6.64 -19.92 -1.68
C PRO B 105 8.17 -19.98 -1.59
N THR B 106 8.74 -19.01 -0.89
CA THR B 106 10.16 -18.87 -0.71
C THR B 106 10.60 -19.61 0.55
N GLU B 107 11.90 -19.59 0.86
CA GLU B 107 12.40 -20.24 2.07
C GLU B 107 11.81 -19.60 3.32
N LYS B 108 11.50 -18.30 3.23
CA LYS B 108 10.97 -17.52 4.35
C LYS B 108 9.50 -17.86 4.57
N GLN B 109 8.76 -17.96 3.46
CA GLN B 109 7.35 -18.36 3.51
C GLN B 109 7.14 -19.77 4.13
N TYR B 110 8.13 -20.65 4.01
CA TYR B 110 8.08 -21.94 4.72
C TYR B 110 8.39 -21.77 6.21
N GLU B 111 9.42 -20.98 6.52
CA GLU B 111 9.72 -20.60 7.92
C GLU B 111 8.48 -20.02 8.59
N THR B 112 7.86 -19.05 7.92
CA THR B 112 6.66 -18.40 8.43
C THR B 112 5.49 -19.39 8.54
N LEU B 113 5.35 -20.31 7.60
CA LEU B 113 4.25 -21.29 7.68
C LEU B 113 4.49 -22.44 8.69
N GLU B 114 5.75 -22.74 9.01
CA GLU B 114 6.06 -23.70 10.09
C GLU B 114 5.65 -23.14 11.46
N ASN B 115 6.08 -21.89 11.67
CA ASN B 115 5.70 -21.09 12.83
C ASN B 115 4.17 -20.95 13.03
N GLN B 116 3.43 -20.75 11.95
CA GLN B 116 1.98 -20.66 12.04
C GLN B 116 1.38 -22.00 12.42
N LEU B 117 1.93 -23.08 11.86
CA LEU B 117 1.45 -24.41 12.21
C LEU B 117 1.80 -24.76 13.66
N ALA B 118 2.99 -24.32 14.10
CA ALA B 118 3.43 -24.56 15.48
C ALA B 118 2.48 -23.89 16.46
N PHE B 119 2.05 -22.67 16.11
CA PHE B 119 1.20 -21.88 16.97
C PHE B 119 -0.18 -22.52 17.19
N LEU B 120 -0.85 -22.91 16.11
CA LEU B 120 -2.18 -23.50 16.17
C LEU B 120 -2.19 -24.88 16.81
N THR B 121 -1.18 -25.71 16.53
CA THR B 121 -1.12 -27.02 17.17
C THR B 121 -0.93 -26.87 18.69
N GLN B 122 -0.24 -25.82 19.11
CA GLN B 122 -0.18 -25.47 20.53
C GLN B 122 -1.53 -25.11 21.14
N GLN B 123 -2.50 -24.69 20.33
CA GLN B 123 -3.83 -24.37 20.83
C GLN B 123 -4.76 -25.57 20.78
N GLY B 124 -4.24 -26.73 20.37
CA GLY B 124 -5.01 -27.98 20.36
C GLY B 124 -5.60 -28.39 19.02
N PHE B 125 -5.32 -27.61 17.96
CA PHE B 125 -5.58 -28.06 16.61
C PHE B 125 -4.65 -29.23 16.31
N SER B 126 -5.19 -30.30 15.73
CA SER B 126 -4.36 -31.33 15.12
C SER B 126 -3.65 -30.68 13.96
N LEU B 127 -2.57 -31.28 13.47
CA LEU B 127 -1.77 -30.68 12.41
C LEU B 127 -2.63 -30.48 11.16
N GLU B 128 -3.40 -31.52 10.83
CA GLU B 128 -4.46 -31.48 9.82
C GLU B 128 -5.37 -30.25 9.88
N ASN B 129 -6.00 -30.03 11.03
CA ASN B 129 -6.95 -28.92 11.21
C ASN B 129 -6.26 -27.57 11.20
N ALA B 130 -5.03 -27.49 11.70
CA ALA B 130 -4.27 -26.23 11.60
C ALA B 130 -4.08 -25.87 10.14
N LEU B 131 -3.72 -26.89 9.37
CA LEU B 131 -3.46 -26.74 7.94
C LEU B 131 -4.77 -26.28 7.24
N TYR B 132 -5.85 -27.02 7.47
CA TYR B 132 -7.15 -26.73 6.89
C TYR B 132 -7.62 -25.34 7.28
N ALA B 133 -7.42 -24.97 8.54
CA ALA B 133 -7.81 -23.63 9.02
C ALA B 133 -7.12 -22.51 8.25
N LEU B 134 -5.80 -22.58 8.15
CA LEU B 134 -5.03 -21.56 7.42
C LEU B 134 -5.37 -21.56 5.94
N SER B 135 -5.53 -22.75 5.36
CA SER B 135 -5.89 -22.79 3.94
C SER B 135 -7.31 -22.25 3.69
N ALA B 136 -8.29 -22.54 4.55
CA ALA B 136 -9.63 -22.02 4.36
C ALA B 136 -9.70 -20.47 4.47
N VAL B 137 -9.01 -19.94 5.46
CA VAL B 137 -8.89 -18.48 5.59
C VAL B 137 -8.21 -17.88 4.34
N GLY B 138 -7.18 -18.56 3.86
CA GLY B 138 -6.41 -18.14 2.70
C GLY B 138 -7.20 -18.22 1.40
N HIS B 139 -7.87 -19.35 1.19
CA HIS B 139 -8.72 -19.52 0.04
C HIS B 139 -9.86 -18.50 0.03
N PHE B 140 -10.53 -18.34 1.17
CA PHE B 140 -11.63 -17.39 1.30
C PHE B 140 -11.16 -15.98 0.92
N THR B 141 -10.08 -15.53 1.55
CA THR B 141 -9.50 -14.21 1.31
C THR B 141 -9.06 -14.02 -0.14
N LEU B 142 -8.31 -14.97 -0.68
CA LEU B 142 -7.93 -14.87 -2.07
C LEU B 142 -9.17 -14.70 -2.95
N GLY B 143 -10.16 -15.58 -2.74
CA GLY B 143 -11.41 -15.56 -3.48
C GLY B 143 -12.14 -14.24 -3.44
N SER B 144 -12.24 -13.66 -2.25
CA SER B 144 -12.90 -12.36 -2.03
C SER B 144 -12.26 -11.25 -2.80
N VAL B 145 -10.93 -11.18 -2.70
CA VAL B 145 -10.18 -10.12 -3.36
C VAL B 145 -10.25 -10.28 -4.87
N LEU B 146 -10.19 -11.51 -5.38
CA LEU B 146 -10.42 -11.75 -6.82
C LEU B 146 -11.77 -11.20 -7.30
N GLU B 147 -12.85 -11.51 -6.58
CA GLU B 147 -14.17 -10.96 -6.92
C GLU B 147 -14.16 -9.46 -6.89
N ASP B 148 -13.72 -8.95 -5.75
CA ASP B 148 -13.59 -7.53 -5.50
C ASP B 148 -12.84 -6.82 -6.65
N GLN B 149 -11.65 -7.32 -6.96
CA GLN B 149 -10.84 -6.68 -8.01
C GLN B 149 -11.35 -6.83 -9.43
N GLU B 150 -12.23 -7.79 -9.70
CA GLU B 150 -12.77 -7.93 -11.04
C GLU B 150 -13.96 -6.99 -11.25
N HIS B 151 -14.63 -6.62 -10.16
CA HIS B 151 -15.77 -5.69 -10.20
C HIS B 151 -15.48 -4.26 -9.76
N GLN B 152 -14.25 -3.98 -9.33
CA GLN B 152 -13.76 -2.60 -9.29
C GLN B 152 -13.76 -2.09 -10.73
N VAL B 153 -13.71 -3.02 -11.69
CA VAL B 153 -13.64 -2.68 -13.11
C VAL B 153 -15.03 -2.31 -13.62
N ALA B 154 -16.02 -3.14 -13.29
CA ALA B 154 -17.42 -2.86 -13.61
C ALA B 154 -17.98 -1.80 -12.65
N LYS B 155 -18.00 -2.17 -11.36
CA LYS B 155 -18.69 -1.48 -10.24
C LYS B 155 -20.10 -0.92 -10.52
N ASP B 164 -39.49 0.75 -8.82
CA ASP B 164 -38.79 -0.18 -9.71
C ASP B 164 -39.52 -1.52 -9.77
N SER B 165 -39.28 -2.26 -10.86
CA SER B 165 -39.86 -3.59 -11.06
C SER B 165 -38.98 -4.70 -10.50
N MET B 166 -37.82 -4.34 -9.98
CA MET B 166 -36.83 -5.30 -9.50
C MET B 166 -37.37 -5.91 -8.19
N PRO B 167 -37.16 -7.24 -8.01
CA PRO B 167 -37.48 -7.91 -6.75
C PRO B 167 -36.76 -7.28 -5.56
N PRO B 168 -37.51 -7.00 -4.47
CA PRO B 168 -37.01 -6.50 -3.17
C PRO B 168 -35.69 -7.09 -2.67
N LEU B 169 -35.62 -8.42 -2.61
CA LEU B 169 -34.45 -9.09 -2.03
C LEU B 169 -33.21 -8.88 -2.88
N LEU B 170 -33.39 -8.99 -4.20
CA LEU B 170 -32.27 -8.73 -5.09
C LEU B 170 -31.92 -7.24 -5.02
N ARG B 171 -32.94 -6.38 -5.07
CA ARG B 171 -32.72 -4.94 -4.93
C ARG B 171 -31.91 -4.61 -3.67
N GLN B 172 -32.43 -5.03 -2.52
CA GLN B 172 -31.74 -4.87 -1.24
C GLN B 172 -30.30 -5.37 -1.27
N ALA B 173 -30.06 -6.50 -1.93
CA ALA B 173 -28.71 -7.09 -1.99
C ALA B 173 -27.73 -6.30 -2.85
N ILE B 174 -28.22 -5.71 -3.92
CA ILE B 174 -27.37 -4.87 -4.77
C ILE B 174 -27.04 -3.56 -4.06
N GLU B 175 -28.07 -2.83 -3.64
CA GLU B 175 -27.87 -1.60 -2.90
C GLU B 175 -27.00 -1.80 -1.65
N LEU B 176 -27.03 -3.00 -1.08
CA LEU B 176 -26.17 -3.33 0.05
C LEU B 176 -24.70 -3.15 -0.31
N PHE B 177 -24.28 -3.73 -1.44
CA PHE B 177 -22.92 -3.59 -1.93
C PHE B 177 -22.58 -2.19 -2.50
N ASP B 178 -23.58 -1.38 -2.81
CA ASP B 178 -23.27 -0.02 -3.26
C ASP B 178 -22.91 0.82 -2.02
N HIS B 179 -23.78 0.80 -1.00
CA HIS B 179 -23.54 1.52 0.24
C HIS B 179 -22.30 1.02 1.01
N GLN B 180 -22.14 -0.29 1.12
CA GLN B 180 -21.22 -0.88 2.09
C GLN B 180 -19.90 -1.37 1.51
N GLY B 181 -19.82 -1.54 0.20
CA GLY B 181 -18.67 -2.18 -0.43
C GLY B 181 -18.41 -3.64 0.00
N ALA B 182 -17.20 -4.11 -0.27
CA ALA B 182 -16.90 -5.55 -0.13
C ALA B 182 -16.31 -5.94 1.22
N GLU B 183 -15.95 -4.93 2.02
CA GLU B 183 -15.25 -5.18 3.30
C GLU B 183 -16.11 -5.85 4.38
N PRO B 184 -17.38 -5.43 4.55
CA PRO B 184 -18.27 -6.11 5.49
C PRO B 184 -18.51 -7.59 5.14
N ALA B 185 -18.70 -7.88 3.86
CA ALA B 185 -18.83 -9.25 3.37
C ALA B 185 -17.58 -10.02 3.71
N PHE B 186 -16.43 -9.40 3.48
CA PHE B 186 -15.15 -9.99 3.85
C PHE B 186 -15.02 -10.30 5.35
N LEU B 187 -15.29 -9.29 6.19
CA LEU B 187 -15.17 -9.50 7.63
C LEU B 187 -16.21 -10.50 8.14
N HIS B 188 -17.39 -10.54 7.52
CA HIS B 188 -18.45 -11.48 7.89
C HIS B 188 -18.03 -12.93 7.64
N GLY B 189 -17.49 -13.21 6.43
CA GLY B 189 -17.04 -14.55 6.07
C GLY B 189 -15.86 -15.01 6.92
N LEU B 190 -15.01 -14.05 7.25
CA LEU B 190 -13.85 -14.30 8.11
C LEU B 190 -14.31 -14.69 9.50
N GLU B 191 -15.27 -13.96 10.06
CA GLU B 191 -15.84 -14.32 11.36
C GLU B 191 -16.61 -15.64 11.33
N SER B 192 -17.37 -15.88 10.27
CA SER B 192 -18.00 -17.19 10.08
C SER B 192 -16.97 -18.33 10.14
N LEU B 193 -15.83 -18.15 9.46
CA LEU B 193 -14.75 -19.14 9.53
C LEU B 193 -14.21 -19.33 10.95
N ILE B 194 -13.77 -18.24 11.56
CA ILE B 194 -13.14 -18.33 12.90
C ILE B 194 -14.10 -18.94 13.91
N ARG B 195 -15.35 -18.52 13.84
CA ARG B 195 -16.38 -19.06 14.72
C ARG B 195 -16.67 -20.55 14.45
N GLY B 196 -16.66 -20.94 13.18
CA GLY B 196 -16.83 -22.32 12.79
C GLY B 196 -15.70 -23.22 13.26
N PHE B 197 -14.47 -22.70 13.21
CA PHE B 197 -13.32 -23.43 13.77
C PHE B 197 -13.54 -23.76 15.26
N GLU B 198 -14.01 -22.76 16.02
CA GLU B 198 -14.26 -22.94 17.47
C GLU B 198 -15.29 -24.02 17.70
N VAL B 199 -16.36 -24.00 16.94
CA VAL B 199 -17.40 -25.02 17.03
C VAL B 199 -16.86 -26.39 16.66
N GLN B 200 -16.01 -26.45 15.63
CA GLN B 200 -15.46 -27.72 15.18
C GLN B 200 -14.48 -28.30 16.17
N LEU B 201 -13.57 -27.45 16.65
CA LEU B 201 -12.63 -27.83 17.68
C LEU B 201 -13.35 -28.42 18.87
N THR B 202 -14.35 -27.69 19.35
CA THR B 202 -15.15 -28.11 20.49
C THR B 202 -15.75 -29.52 20.29
N ALA B 203 -16.35 -29.77 19.13
CA ALA B 203 -16.96 -31.08 18.84
C ALA B 203 -15.97 -32.27 18.75
N LEU B 204 -14.69 -31.98 18.47
CA LEU B 204 -13.68 -33.00 18.16
C LEU B 204 -12.65 -33.12 19.28
N SER C 7 -15.38 0.37 13.16
CA SER C 7 -15.97 1.55 12.44
C SER C 7 -15.29 1.81 11.10
N LYS C 8 -16.04 2.41 10.16
CA LYS C 8 -15.52 2.75 8.84
C LYS C 8 -14.91 4.16 8.74
N VAL C 9 -14.61 4.76 9.89
CA VAL C 9 -14.16 6.14 9.97
C VAL C 9 -12.78 6.38 9.35
N ILE C 10 -11.84 5.48 9.65
CA ILE C 10 -10.48 5.54 9.12
C ILE C 10 -10.48 5.45 7.58
N ASN C 11 -11.02 4.35 7.07
CA ASN C 11 -11.11 4.12 5.63
C ASN C 11 -11.77 5.29 4.91
N SER C 12 -12.79 5.84 5.54
CA SER C 12 -13.52 6.99 5.00
C SER C 12 -12.68 8.27 4.99
N ALA C 13 -11.86 8.48 6.04
CA ALA C 13 -10.96 9.62 6.14
C ALA C 13 -9.80 9.50 5.16
N LEU C 14 -9.24 8.30 5.08
CA LEU C 14 -8.22 7.96 4.08
C LEU C 14 -8.69 8.31 2.65
N GLU C 15 -9.93 7.95 2.33
CA GLU C 15 -10.57 8.29 1.07
C GLU C 15 -10.67 9.80 0.93
N LEU C 16 -11.21 10.45 1.95
CA LEU C 16 -11.36 11.91 1.94
C LEU C 16 -9.99 12.60 1.79
N LEU C 17 -9.03 12.16 2.58
CA LEU C 17 -7.67 12.64 2.47
C LEU C 17 -7.16 12.62 1.02
N ASN C 18 -7.33 11.49 0.34
CA ASN C 18 -6.92 11.38 -1.06
C ASN C 18 -7.78 12.25 -1.96
N GLU C 19 -9.06 12.37 -1.62
CA GLU C 19 -10.00 13.14 -2.45
C GLU C 19 -9.73 14.65 -2.41
N VAL C 20 -9.57 15.22 -1.21
CA VAL C 20 -9.46 16.68 -1.05
C VAL C 20 -8.15 17.17 -0.44
N GLY C 21 -7.27 16.26 -0.05
CA GLY C 21 -6.01 16.65 0.61
C GLY C 21 -6.17 17.07 2.05
N ILE C 22 -5.05 17.15 2.76
CA ILE C 22 -5.06 17.39 4.20
C ILE C 22 -5.70 18.73 4.62
N GLU C 23 -5.55 19.77 3.80
CA GLU C 23 -6.14 21.08 4.10
C GLU C 23 -7.66 21.08 4.00
N GLY C 24 -8.19 20.33 3.02
CA GLY C 24 -9.64 20.19 2.86
C GLY C 24 -10.28 19.11 3.73
N LEU C 25 -9.46 18.23 4.29
CA LEU C 25 -9.92 17.26 5.27
C LEU C 25 -10.39 18.01 6.52
N THR C 26 -11.69 18.03 6.76
CA THR C 26 -12.23 18.52 8.03
C THR C 26 -13.14 17.49 8.66
N THR C 27 -13.35 17.63 9.96
CA THR C 27 -14.29 16.79 10.70
C THR C 27 -15.72 16.92 10.17
N ARG C 28 -16.06 18.09 9.62
CA ARG C 28 -17.38 18.34 9.07
C ARG C 28 -17.63 17.58 7.77
N LYS C 29 -16.64 17.59 6.88
CA LYS C 29 -16.74 16.87 5.60
C LYS C 29 -16.71 15.36 5.80
N LEU C 30 -15.95 14.90 6.79
CA LEU C 30 -15.86 13.49 7.12
C LEU C 30 -17.22 13.02 7.66
N ALA C 31 -17.72 13.75 8.65
CA ALA C 31 -19.02 13.48 9.23
C ALA C 31 -20.12 13.44 8.15
N GLN C 32 -20.03 14.35 7.19
CA GLN C 32 -20.96 14.35 6.05
C GLN C 32 -20.78 13.10 5.19
N LYS C 33 -19.53 12.81 4.84
CA LYS C 33 -19.21 11.61 4.06
C LYS C 33 -19.72 10.32 4.75
N LEU C 34 -19.67 10.29 6.08
CA LEU C 34 -20.17 9.17 6.88
C LEU C 34 -21.67 9.17 7.09
N GLY C 35 -22.33 10.28 6.75
CA GLY C 35 -23.78 10.40 6.92
C GLY C 35 -24.24 10.60 8.35
N VAL C 36 -23.31 10.83 9.27
CA VAL C 36 -23.63 11.14 10.67
C VAL C 36 -23.35 12.61 10.99
N GLU C 37 -23.88 13.06 12.12
CA GLU C 37 -23.69 14.42 12.59
C GLU C 37 -22.51 14.40 13.52
N GLN C 38 -22.01 15.61 13.79
CA GLN C 38 -20.69 15.77 14.37
C GLN C 38 -20.52 15.22 15.80
N PRO C 39 -21.57 15.24 16.63
CA PRO C 39 -21.40 14.61 17.94
C PRO C 39 -21.06 13.11 17.89
N THR C 40 -21.54 12.40 16.88
CA THR C 40 -21.25 10.97 16.77
C THR C 40 -19.84 10.75 16.24
N LEU C 41 -19.38 11.59 15.30
CA LEU C 41 -17.98 11.52 14.86
C LEU C 41 -17.03 11.83 16.01
N TYR C 42 -17.42 12.80 16.84
CA TYR C 42 -16.64 13.20 18.01
C TYR C 42 -16.41 12.02 18.98
N TRP C 43 -17.40 11.13 19.08
CA TRP C 43 -17.32 9.92 19.88
C TRP C 43 -16.26 8.95 19.36
N HIS C 44 -16.04 8.95 18.04
CA HIS C 44 -15.02 8.13 17.41
C HIS C 44 -13.66 8.83 17.48
N VAL C 45 -13.64 10.15 17.28
CA VAL C 45 -12.39 10.92 17.28
C VAL C 45 -12.62 12.38 17.71
N LYS C 46 -11.77 12.86 18.61
CA LYS C 46 -12.02 14.10 19.34
C LYS C 46 -11.88 15.38 18.50
N ASN C 47 -10.92 15.40 17.58
CA ASN C 47 -10.74 16.53 16.66
C ASN C 47 -9.78 16.22 15.50
N LYS C 48 -9.61 17.18 14.60
CA LYS C 48 -8.79 17.00 13.41
C LYS C 48 -7.37 16.52 13.73
N ARG C 49 -6.81 16.99 14.84
CA ARG C 49 -5.51 16.53 15.32
C ARG C 49 -5.55 15.03 15.59
N ALA C 50 -6.49 14.61 16.41
CA ALA C 50 -6.65 13.20 16.78
C ALA C 50 -6.83 12.31 15.55
N LEU C 51 -7.48 12.84 14.51
CA LEU C 51 -7.70 12.13 13.25
C LEU C 51 -6.43 11.96 12.44
N LEU C 52 -5.68 13.04 12.23
CA LEU C 52 -4.41 12.95 11.48
C LEU C 52 -3.47 11.95 12.16
N ASP C 53 -3.44 12.00 13.47
CA ASP C 53 -2.71 11.04 14.28
C ASP C 53 -3.10 9.61 13.92
N ALA C 54 -4.40 9.30 14.01
CA ALA C 54 -4.91 7.98 13.67
C ALA C 54 -4.54 7.56 12.24
N LEU C 55 -4.57 8.52 11.32
CA LEU C 55 -4.31 8.28 9.90
C LEU C 55 -2.84 7.99 9.65
N ALA C 56 -1.98 8.85 10.18
CA ALA C 56 -0.53 8.62 10.16
C ALA C 56 -0.21 7.20 10.65
N ILE C 57 -0.73 6.86 11.82
CA ILE C 57 -0.47 5.57 12.44
C ILE C 57 -0.99 4.41 11.58
N GLU C 58 -2.12 4.62 10.91
CA GLU C 58 -2.67 3.61 10.00
C GLU C 58 -1.77 3.39 8.77
N MET C 59 -1.19 4.47 8.25
CA MET C 59 -0.31 4.35 7.08
C MET C 59 0.96 3.58 7.44
N LEU C 60 1.53 3.89 8.60
CA LEU C 60 2.67 3.11 9.13
C LEU C 60 2.31 1.65 9.34
N ASP C 61 1.16 1.39 9.97
CA ASP C 61 0.70 0.03 10.24
C ASP C 61 0.50 -0.81 8.96
N ARG C 62 0.34 -0.15 7.82
CA ARG C 62 0.21 -0.85 6.54
C ARG C 62 1.49 -0.86 5.71
N HIS C 63 2.40 0.08 5.96
CA HIS C 63 3.49 0.37 4.99
C HIS C 63 4.89 0.60 5.57
N HIS C 64 5.04 0.84 6.87
CA HIS C 64 6.37 0.86 7.47
C HIS C 64 6.61 -0.52 8.03
N THR C 65 7.10 -1.41 7.16
CA THR C 65 7.28 -2.82 7.50
C THR C 65 8.67 -3.12 8.05
N HIS C 66 9.65 -2.28 7.73
CA HIS C 66 11.03 -2.54 8.08
C HIS C 66 11.46 -1.63 9.22
N PHE C 67 10.73 -1.69 10.33
CA PHE C 67 11.06 -0.91 11.52
C PHE C 67 12.10 -1.60 12.42
N SER C 68 12.54 -2.80 12.03
CA SER C 68 13.59 -3.52 12.76
C SER C 68 14.37 -4.43 11.82
N PRO C 69 15.62 -4.77 12.19
CA PRO C 69 16.53 -5.50 11.32
C PRO C 69 16.18 -6.98 11.13
N LEU C 70 16.45 -7.50 9.93
CA LEU C 70 16.28 -8.92 9.64
C LEU C 70 17.45 -9.68 10.24
N GLU C 71 17.25 -10.97 10.54
CA GLU C 71 18.35 -11.85 10.91
C GLU C 71 19.56 -11.56 10.04
N GLY C 72 20.72 -11.37 10.69
CA GLY C 72 21.98 -11.17 9.99
C GLY C 72 22.09 -9.95 9.08
N GLU C 73 21.19 -8.99 9.22
CA GLU C 73 21.22 -7.78 8.40
C GLU C 73 22.30 -6.83 8.90
N SER C 74 23.02 -6.18 7.99
CA SER C 74 24.01 -5.18 8.38
C SER C 74 23.27 -3.90 8.75
N TRP C 75 23.89 -3.05 9.57
CA TRP C 75 23.21 -1.85 10.03
C TRP C 75 22.90 -0.94 8.85
N GLN C 76 23.90 -0.74 7.98
CA GLN C 76 23.75 0.00 6.74
C GLN C 76 22.51 -0.44 5.97
N ASP C 77 22.31 -1.74 5.88
CA ASP C 77 21.15 -2.28 5.17
C ASP C 77 19.89 -1.94 5.95
N PHE C 78 19.88 -2.26 7.24
CA PHE C 78 18.70 -1.96 8.06
C PHE C 78 18.23 -0.51 7.87
N LEU C 79 19.15 0.45 7.95
CA LEU C 79 18.82 1.87 7.79
C LEU C 79 18.24 2.14 6.39
N ARG C 80 18.91 1.66 5.34
CA ARG C 80 18.38 1.79 3.99
C ARG C 80 16.95 1.28 3.86
N ASN C 81 16.71 0.06 4.34
CA ASN C 81 15.39 -0.56 4.23
C ASN C 81 14.34 0.10 5.14
N ASN C 82 14.81 0.74 6.21
CA ASN C 82 13.96 1.50 7.11
C ASN C 82 13.56 2.86 6.51
N ALA C 83 14.51 3.56 5.91
CA ALA C 83 14.22 4.81 5.20
C ALA C 83 13.22 4.53 4.08
N LYS C 84 13.52 3.53 3.25
CA LYS C 84 12.69 3.23 2.09
C LYS C 84 11.29 2.86 2.52
N SER C 85 11.18 2.05 3.57
CA SER C 85 9.89 1.58 4.07
C SER C 85 9.06 2.73 4.64
N PHE C 86 9.68 3.55 5.49
CA PHE C 86 9.09 4.79 6.00
C PHE C 86 8.65 5.70 4.86
N ARG C 87 9.46 5.77 3.81
CA ARG C 87 9.12 6.60 2.64
C ARG C 87 7.86 6.10 1.94
N ASN C 88 7.74 4.77 1.84
CA ASN C 88 6.58 4.16 1.20
C ASN C 88 5.31 4.48 1.95
N ALA C 89 5.38 4.40 3.28
CA ALA C 89 4.28 4.79 4.14
C ALA C 89 3.86 6.23 3.89
N LEU C 90 4.80 7.16 3.93
CA LEU C 90 4.48 8.57 3.70
C LEU C 90 3.85 8.81 2.32
N LEU C 91 4.33 8.08 1.32
CA LEU C 91 3.86 8.20 -0.07
C LEU C 91 2.54 7.44 -0.35
N SER C 92 2.10 6.63 0.61
CA SER C 92 0.90 5.81 0.43
C SER C 92 -0.36 6.64 0.18
N HIS C 93 -0.46 7.80 0.80
CA HIS C 93 -1.63 8.67 0.65
C HIS C 93 -1.27 10.12 0.34
N ARG C 94 -2.23 10.86 -0.24
CA ARG C 94 -2.04 12.29 -0.52
C ARG C 94 -1.63 13.08 0.73
N ASP C 95 -0.63 13.94 0.59
CA ASP C 95 -0.14 14.79 1.69
C ASP C 95 0.26 13.96 2.91
N GLY C 96 0.70 12.73 2.67
CA GLY C 96 0.96 11.78 3.76
C GLY C 96 2.11 12.15 4.67
N ALA C 97 3.05 12.95 4.16
CA ALA C 97 4.18 13.45 4.97
C ALA C 97 3.65 14.56 5.87
N LYS C 98 2.85 15.44 5.28
CA LYS C 98 2.18 16.51 6.00
C LYS C 98 1.34 15.92 7.14
N VAL C 99 0.69 14.78 6.88
CA VAL C 99 -0.21 14.13 7.84
C VAL C 99 0.55 13.52 9.03
N HIS C 100 1.75 13.03 8.76
CA HIS C 100 2.66 12.46 9.76
C HIS C 100 3.19 13.49 10.76
N LEU C 101 3.29 14.74 10.31
CA LEU C 101 3.79 15.83 11.13
C LEU C 101 3.03 15.96 12.46
N GLY C 102 3.79 15.97 13.55
CA GLY C 102 3.22 16.23 14.86
C GLY C 102 2.42 15.07 15.40
N THR C 103 2.65 13.87 14.87
CA THR C 103 1.92 12.70 15.33
C THR C 103 2.47 12.29 16.70
N ARG C 104 1.59 11.89 17.60
CA ARG C 104 1.99 11.52 18.96
C ARG C 104 2.59 10.11 18.97
N PRO C 105 3.88 9.97 19.37
CA PRO C 105 4.48 8.63 19.47
C PRO C 105 3.74 7.71 20.44
N THR C 106 3.33 6.54 19.95
CA THR C 106 2.62 5.52 20.74
C THR C 106 3.63 4.59 21.43
N GLU C 107 3.14 3.65 22.22
CA GLU C 107 4.05 2.73 22.92
C GLU C 107 4.62 1.63 22.01
N LYS C 108 3.93 1.32 20.91
CA LYS C 108 4.49 0.48 19.84
C LYS C 108 5.76 1.15 19.32
N GLN C 109 5.60 2.42 18.94
CA GLN C 109 6.66 3.22 18.35
C GLN C 109 7.84 3.44 19.31
N TYR C 110 7.56 3.60 20.60
CA TYR C 110 8.62 3.71 21.60
C TYR C 110 9.40 2.41 21.75
N GLU C 111 8.70 1.28 21.78
CA GLU C 111 9.34 -0.03 21.87
C GLU C 111 10.30 -0.24 20.70
N THR C 112 9.89 0.25 19.53
CA THR C 112 10.71 0.15 18.31
C THR C 112 11.98 1.02 18.34
N LEU C 113 11.93 2.16 19.04
CA LEU C 113 13.11 3.03 19.14
C LEU C 113 14.20 2.48 20.08
N GLU C 114 13.82 1.95 21.25
CA GLU C 114 14.81 1.27 22.12
C GLU C 114 15.35 0.04 21.38
N ASN C 115 14.48 -0.66 20.66
CA ASN C 115 14.86 -1.80 19.82
C ASN C 115 15.90 -1.42 18.76
N GLN C 116 15.58 -0.42 17.95
CA GLN C 116 16.50 0.13 16.95
C GLN C 116 17.79 0.65 17.59
N LEU C 117 17.64 1.32 18.74
CA LEU C 117 18.80 1.78 19.51
C LEU C 117 19.68 0.61 19.94
N ALA C 118 19.06 -0.50 20.32
CA ALA C 118 19.79 -1.66 20.84
C ALA C 118 20.62 -2.33 19.73
N PHE C 119 20.00 -2.53 18.57
CA PHE C 119 20.66 -3.13 17.41
C PHE C 119 21.83 -2.31 16.87
N LEU C 120 21.66 -0.99 16.83
CA LEU C 120 22.74 -0.12 16.39
C LEU C 120 23.87 -0.09 17.41
N THR C 121 23.57 -0.30 18.68
CA THR C 121 24.63 -0.40 19.69
C THR C 121 25.44 -1.70 19.56
N GLN C 122 24.79 -2.77 19.09
CA GLN C 122 25.48 -4.03 18.78
C GLN C 122 26.64 -3.76 17.85
N GLN C 123 26.42 -2.90 16.87
CA GLN C 123 27.41 -2.61 15.84
C GLN C 123 28.44 -1.57 16.29
N GLY C 124 28.36 -1.12 17.54
CA GLY C 124 29.35 -0.23 18.11
C GLY C 124 29.08 1.25 17.88
N PHE C 125 27.81 1.59 17.61
CA PHE C 125 27.38 2.97 17.73
C PHE C 125 27.44 3.33 19.20
N SER C 126 27.99 4.53 19.46
CA SER C 126 27.75 5.23 20.72
C SER C 126 26.24 5.46 20.90
N LEU C 127 25.82 5.53 22.16
CA LEU C 127 24.40 5.67 22.53
C LEU C 127 23.72 6.82 21.79
N GLU C 128 24.35 7.99 21.81
CA GLU C 128 23.79 9.15 21.14
C GLU C 128 23.82 9.03 19.62
N ASN C 129 24.91 8.49 19.07
CA ASN C 129 25.09 8.40 17.62
C ASN C 129 24.10 7.44 16.95
N ALA C 130 23.70 6.41 17.70
CA ALA C 130 22.56 5.57 17.31
C ALA C 130 21.29 6.40 17.14
N LEU C 131 21.00 7.25 18.13
CA LEU C 131 19.78 8.05 18.13
C LEU C 131 19.85 9.10 17.04
N TYR C 132 20.99 9.80 16.98
CA TYR C 132 21.25 10.85 16.00
C TYR C 132 21.10 10.35 14.56
N ALA C 133 21.63 9.17 14.28
CA ALA C 133 21.63 8.57 12.96
C ALA C 133 20.23 8.17 12.55
N LEU C 134 19.44 7.66 13.49
CA LEU C 134 18.04 7.35 13.22
C LEU C 134 17.28 8.64 12.89
N SER C 135 17.59 9.68 13.65
CA SER C 135 16.94 10.98 13.48
C SER C 135 17.28 11.57 12.12
N ALA C 136 18.55 11.40 11.72
CA ALA C 136 19.02 11.97 10.47
C ALA C 136 18.25 11.34 9.31
N VAL C 137 18.20 10.02 9.31
CA VAL C 137 17.52 9.29 8.24
C VAL C 137 16.01 9.62 8.16
N GLY C 138 15.38 9.76 9.32
CA GLY C 138 13.96 10.11 9.41
C GLY C 138 13.72 11.54 8.96
N HIS C 139 14.54 12.46 9.45
CA HIS C 139 14.47 13.86 9.07
C HIS C 139 14.64 14.07 7.56
N PHE C 140 15.71 13.49 7.01
CA PHE C 140 15.99 13.56 5.58
C PHE C 140 14.86 12.99 4.77
N THR C 141 14.41 11.82 5.17
CA THR C 141 13.34 11.10 4.48
C THR C 141 12.07 11.92 4.55
N LEU C 142 11.73 12.42 5.74
CA LEU C 142 10.53 13.26 5.87
C LEU C 142 10.64 14.52 4.99
N GLY C 143 11.78 15.20 5.06
CA GLY C 143 12.07 16.29 4.12
C GLY C 143 11.95 15.92 2.65
N SER C 144 12.51 14.77 2.25
CA SER C 144 12.46 14.30 0.86
C SER C 144 11.02 14.15 0.34
N VAL C 145 10.20 13.46 1.12
CA VAL C 145 8.82 13.18 0.75
C VAL C 145 7.98 14.44 0.75
N LEU C 146 8.22 15.35 1.70
CA LEU C 146 7.49 16.63 1.69
C LEU C 146 7.72 17.38 0.37
N GLU C 147 8.97 17.50 -0.06
CA GLU C 147 9.26 18.13 -1.35
C GLU C 147 8.67 17.36 -2.53
N ASP C 148 8.78 16.03 -2.50
CA ASP C 148 8.25 15.16 -3.56
C ASP C 148 6.75 15.38 -3.72
N GLN C 149 5.99 15.21 -2.63
CA GLN C 149 4.55 15.44 -2.65
C GLN C 149 4.20 16.89 -3.02
N GLU C 150 4.93 17.86 -2.48
CA GLU C 150 4.75 19.28 -2.86
C GLU C 150 4.92 19.45 -4.37
N HIS C 151 5.94 18.81 -4.94
CA HIS C 151 6.19 18.89 -6.38
C HIS C 151 5.13 18.19 -7.23
N GLN C 152 4.61 17.05 -6.75
CA GLN C 152 3.47 16.39 -7.39
C GLN C 152 2.28 17.33 -7.45
N VAL C 153 2.05 18.05 -6.35
CA VAL C 153 0.96 19.03 -6.26
C VAL C 153 1.08 20.11 -7.34
N ALA C 154 2.29 20.39 -7.83
CA ALA C 154 2.44 21.19 -9.04
C ALA C 154 2.09 20.34 -10.28
N LYS C 155 0.79 20.26 -10.57
CA LYS C 155 0.24 19.41 -11.66
C LYS C 155 -0.89 20.15 -12.39
N THR C 162 8.36 25.42 -16.72
CA THR C 162 8.79 26.70 -16.16
C THR C 162 10.31 26.87 -16.24
N THR C 163 10.98 25.89 -16.86
CA THR C 163 12.45 25.85 -16.97
C THR C 163 13.04 27.05 -17.73
N ASP C 164 12.19 27.72 -18.51
CA ASP C 164 12.56 28.96 -19.23
C ASP C 164 12.44 30.24 -18.37
N SER C 165 12.29 30.03 -17.06
CA SER C 165 12.48 31.07 -16.06
C SER C 165 13.87 30.98 -15.44
N MET C 166 14.60 29.92 -15.77
CA MET C 166 15.79 29.52 -15.02
C MET C 166 17.10 29.86 -15.73
N PRO C 167 18.16 30.13 -14.94
CA PRO C 167 19.49 30.32 -15.51
C PRO C 167 20.04 29.03 -16.16
N PRO C 168 21.02 29.17 -17.07
CA PRO C 168 21.45 28.08 -17.97
C PRO C 168 21.91 26.80 -17.26
N LEU C 169 22.66 26.97 -16.18
CA LEU C 169 23.24 25.85 -15.43
C LEU C 169 22.18 25.13 -14.61
N LEU C 170 21.25 25.91 -14.05
CA LEU C 170 20.12 25.38 -13.26
C LEU C 170 19.11 24.64 -14.13
N ARG C 171 18.78 25.20 -15.30
CA ARG C 171 17.90 24.53 -16.26
C ARG C 171 18.41 23.13 -16.61
N GLN C 172 19.68 23.03 -17.00
CA GLN C 172 20.25 21.73 -17.37
C GLN C 172 20.21 20.79 -16.18
N ALA C 173 20.67 21.27 -15.03
CA ALA C 173 20.64 20.52 -13.76
C ALA C 173 19.28 19.93 -13.46
N ILE C 174 18.25 20.77 -13.46
CA ILE C 174 16.86 20.33 -13.23
C ILE C 174 16.37 19.40 -14.33
N GLU C 175 16.73 19.72 -15.58
CA GLU C 175 16.36 18.86 -16.71
C GLU C 175 16.96 17.46 -16.46
N LEU C 176 18.25 17.41 -16.16
CA LEU C 176 18.88 16.13 -15.78
C LEU C 176 18.10 15.44 -14.63
N PHE C 177 17.70 16.21 -13.62
CA PHE C 177 16.96 15.65 -12.48
C PHE C 177 15.57 15.08 -12.84
N ASP C 178 14.82 15.76 -13.70
CA ASP C 178 13.47 15.31 -14.07
C ASP C 178 13.43 13.96 -14.80
N HIS C 179 14.49 13.65 -15.57
CA HIS C 179 14.62 12.32 -16.19
C HIS C 179 14.63 11.27 -15.09
N GLN C 180 15.55 11.45 -14.14
CA GLN C 180 15.81 10.46 -13.10
C GLN C 180 14.62 10.32 -12.13
N GLY C 181 13.89 11.43 -11.91
CA GLY C 181 12.80 11.47 -10.92
C GLY C 181 13.28 11.76 -9.50
N ALA C 182 12.39 11.58 -8.52
CA ALA C 182 12.72 11.85 -7.11
C ALA C 182 13.32 10.67 -6.36
N GLU C 183 13.15 9.43 -6.82
CA GLU C 183 13.66 8.28 -6.08
C GLU C 183 15.19 8.23 -6.02
N PRO C 184 15.89 8.50 -7.15
CA PRO C 184 17.36 8.53 -7.10
C PRO C 184 17.92 9.62 -6.18
N ALA C 185 17.35 10.82 -6.21
CA ALA C 185 17.77 11.88 -5.31
C ALA C 185 17.69 11.42 -3.87
N PHE C 186 16.54 10.86 -3.49
CA PHE C 186 16.34 10.27 -2.18
C PHE C 186 17.39 9.20 -1.91
N LEU C 187 17.56 8.30 -2.87
CA LEU C 187 18.46 7.15 -2.69
C LEU C 187 19.92 7.55 -2.54
N HIS C 188 20.35 8.54 -3.33
CA HIS C 188 21.72 9.06 -3.27
C HIS C 188 21.98 9.79 -1.95
N GLY C 189 21.02 10.60 -1.50
CA GLY C 189 21.10 11.26 -0.20
C GLY C 189 21.14 10.28 0.97
N LEU C 190 20.39 9.19 0.84
CA LEU C 190 20.42 8.12 1.83
C LEU C 190 21.79 7.49 1.93
N GLU C 191 22.42 7.23 0.79
CA GLU C 191 23.78 6.64 0.75
C GLU C 191 24.80 7.57 1.39
N SER C 192 24.65 8.87 1.13
CA SER C 192 25.54 9.88 1.70
C SER C 192 25.50 9.82 3.22
N LEU C 193 24.29 9.81 3.77
CA LEU C 193 24.10 9.63 5.19
C LEU C 193 24.84 8.41 5.71
N ILE C 194 24.55 7.27 5.08
CA ILE C 194 25.09 5.97 5.52
C ILE C 194 26.61 5.88 5.43
N ARG C 195 27.19 6.40 4.35
CA ARG C 195 28.64 6.37 4.20
C ARG C 195 29.31 7.37 5.12
N GLY C 196 28.61 8.46 5.44
CA GLY C 196 29.07 9.39 6.46
C GLY C 196 29.00 8.85 7.87
N PHE C 197 27.97 8.04 8.15
CA PHE C 197 27.87 7.34 9.44
C PHE C 197 29.06 6.38 9.65
N GLU C 198 29.44 5.67 8.58
CA GLU C 198 30.60 4.75 8.61
C GLU C 198 31.89 5.46 8.96
N VAL C 199 32.09 6.61 8.33
CA VAL C 199 33.28 7.42 8.59
C VAL C 199 33.34 7.86 10.06
N GLN C 200 32.23 8.39 10.59
CA GLN C 200 32.16 8.90 11.96
C GLN C 200 32.36 7.83 13.06
N LEU C 201 31.84 6.63 12.74
CA LEU C 201 32.10 5.42 13.53
C LEU C 201 33.61 5.13 13.66
N THR C 202 34.34 5.35 12.56
CA THR C 202 35.77 5.10 12.54
C THR C 202 36.48 6.15 13.40
N LEU D 4 -1.46 48.89 3.87
CA LEU D 4 -0.81 50.09 3.24
C LEU D 4 0.44 49.68 2.42
N ASP D 5 1.51 49.27 3.10
CA ASP D 5 2.73 48.82 2.42
C ASP D 5 3.14 47.42 2.88
N LYS D 6 3.94 46.75 2.06
CA LYS D 6 4.35 45.36 2.30
C LYS D 6 5.17 45.22 3.58
N SER D 7 5.98 46.23 3.90
CA SER D 7 6.78 46.26 5.13
C SER D 7 5.95 46.00 6.39
N LYS D 8 4.94 46.83 6.64
CA LYS D 8 4.18 46.67 7.89
C LYS D 8 3.22 45.49 7.82
N VAL D 9 2.77 45.12 6.62
CA VAL D 9 2.02 43.88 6.49
C VAL D 9 2.85 42.72 7.07
N ILE D 10 4.09 42.57 6.60
CA ILE D 10 4.94 41.45 7.02
C ILE D 10 5.33 41.54 8.51
N ASN D 11 5.83 42.70 8.93
CA ASN D 11 6.18 42.91 10.35
C ASN D 11 5.03 42.55 11.28
N SER D 12 3.84 43.01 10.93
CA SER D 12 2.64 42.74 11.72
C SER D 12 2.29 41.25 11.68
N ALA D 13 2.36 40.65 10.49
CA ALA D 13 2.08 39.22 10.32
C ALA D 13 3.09 38.33 11.06
N LEU D 14 4.36 38.75 11.08
CA LEU D 14 5.43 38.07 11.84
C LEU D 14 5.20 38.16 13.35
N GLU D 15 4.78 39.34 13.83
CA GLU D 15 4.29 39.53 15.20
C GLU D 15 3.15 38.56 15.50
N LEU D 16 2.14 38.56 14.62
CA LEU D 16 0.95 37.71 14.76
C LEU D 16 1.23 36.22 14.76
N LEU D 17 2.11 35.78 13.85
CA LEU D 17 2.56 34.39 13.79
C LEU D 17 3.09 33.92 15.13
N ASN D 18 3.93 34.75 15.74
CA ASN D 18 4.46 34.46 17.08
C ASN D 18 3.34 34.45 18.12
N GLU D 19 2.33 35.29 17.93
CA GLU D 19 1.23 35.40 18.87
C GLU D 19 0.25 34.23 18.81
N VAL D 20 -0.06 33.74 17.60
CA VAL D 20 -1.12 32.73 17.44
C VAL D 20 -0.69 31.42 16.79
N GLY D 21 0.51 31.39 16.22
CA GLY D 21 0.99 30.21 15.50
C GLY D 21 0.49 30.15 14.08
N ILE D 22 0.96 29.16 13.34
CA ILE D 22 0.65 29.02 11.92
C ILE D 22 -0.81 28.65 11.66
N GLU D 23 -1.42 27.88 12.54
CA GLU D 23 -2.81 27.45 12.32
C GLU D 23 -3.80 28.51 12.76
N GLY D 24 -3.45 29.25 13.82
CA GLY D 24 -4.23 30.38 14.29
C GLY D 24 -4.15 31.58 13.37
N LEU D 25 -3.10 31.65 12.57
CA LEU D 25 -2.90 32.73 11.62
C LEU D 25 -3.97 32.71 10.50
N THR D 26 -4.74 33.79 10.40
CA THR D 26 -5.60 34.03 9.25
C THR D 26 -5.34 35.42 8.71
N THR D 27 -5.82 35.67 7.50
CA THR D 27 -5.86 37.01 6.90
C THR D 27 -6.82 37.95 7.65
N ARG D 28 -7.96 37.42 8.07
CA ARG D 28 -8.91 38.15 8.88
C ARG D 28 -8.21 38.72 10.12
N LYS D 29 -7.51 37.87 10.87
CA LYS D 29 -6.86 38.30 12.10
C LYS D 29 -5.77 39.34 11.84
N LEU D 30 -5.15 39.25 10.67
CA LEU D 30 -4.11 40.20 10.26
C LEU D 30 -4.73 41.54 9.92
N ALA D 31 -5.88 41.54 9.27
CA ALA D 31 -6.62 42.80 9.00
C ALA D 31 -7.04 43.49 10.30
N GLN D 32 -7.50 42.70 11.28
CA GLN D 32 -7.82 43.23 12.61
C GLN D 32 -6.57 43.89 13.21
N LYS D 33 -5.44 43.21 13.08
CA LYS D 33 -4.19 43.70 13.60
C LYS D 33 -3.80 45.02 12.95
N LEU D 34 -3.98 45.12 11.64
CA LEU D 34 -3.56 46.30 10.88
C LEU D 34 -4.53 47.44 10.99
N GLY D 35 -5.78 47.10 11.28
CA GLY D 35 -6.85 48.08 11.27
C GLY D 35 -7.23 48.43 9.84
N VAL D 36 -7.34 47.42 8.98
CA VAL D 36 -7.90 47.59 7.63
C VAL D 36 -9.07 46.64 7.42
N GLU D 37 -9.90 46.96 6.42
CA GLU D 37 -10.92 46.02 5.98
C GLU D 37 -10.19 44.93 5.19
N GLN D 38 -10.85 43.78 5.07
CA GLN D 38 -10.28 42.63 4.41
C GLN D 38 -10.06 42.79 2.89
N PRO D 39 -11.05 43.36 2.17
CA PRO D 39 -10.79 43.64 0.75
C PRO D 39 -9.58 44.56 0.48
N THR D 40 -9.23 45.44 1.42
CA THR D 40 -8.02 46.25 1.29
C THR D 40 -6.77 45.38 1.43
N LEU D 41 -6.76 44.50 2.42
CA LEU D 41 -5.60 43.62 2.66
C LEU D 41 -5.38 42.59 1.55
N TYR D 42 -6.45 42.22 0.86
CA TYR D 42 -6.43 41.23 -0.21
C TYR D 42 -5.37 41.49 -1.28
N TRP D 43 -5.28 42.76 -1.69
CA TRP D 43 -4.36 43.18 -2.75
C TRP D 43 -2.89 43.13 -2.36
N HIS D 44 -2.59 42.91 -1.08
CA HIS D 44 -1.24 42.62 -0.62
C HIS D 44 -1.09 41.12 -0.40
N VAL D 45 -2.11 40.53 0.23
CA VAL D 45 -2.11 39.11 0.56
C VAL D 45 -3.40 38.47 0.07
N LYS D 46 -3.33 37.75 -1.07
CA LYS D 46 -4.53 37.14 -1.68
C LYS D 46 -5.25 36.20 -0.71
N ASN D 47 -4.47 35.45 0.08
CA ASN D 47 -4.99 34.45 1.00
C ASN D 47 -3.89 33.95 1.95
N LYS D 48 -4.18 32.90 2.73
CA LYS D 48 -3.19 32.36 3.67
C LYS D 48 -1.92 31.82 2.99
N ARG D 49 -2.06 31.07 1.89
CA ARG D 49 -0.88 30.57 1.14
C ARG D 49 0.02 31.72 0.67
N ALA D 50 -0.57 32.80 0.17
CA ALA D 50 0.20 33.96 -0.25
C ALA D 50 0.94 34.55 0.95
N LEU D 51 0.21 34.59 2.07
CA LEU D 51 0.71 35.13 3.32
C LEU D 51 1.87 34.31 3.87
N LEU D 52 1.68 32.99 3.93
CA LEU D 52 2.73 32.06 4.39
C LEU D 52 4.00 32.15 3.54
N ASP D 53 3.80 32.33 2.22
CA ASP D 53 4.88 32.47 1.26
C ASP D 53 5.74 33.71 1.56
N ALA D 54 5.09 34.86 1.71
CA ALA D 54 5.78 36.12 1.97
C ALA D 54 6.52 36.08 3.30
N LEU D 55 5.91 35.40 4.27
CA LEU D 55 6.53 35.18 5.58
C LEU D 55 7.79 34.31 5.49
N ALA D 56 7.66 33.18 4.80
CA ALA D 56 8.80 32.28 4.56
C ALA D 56 9.98 33.02 3.93
N ILE D 57 9.67 33.78 2.89
CA ILE D 57 10.66 34.56 2.14
C ILE D 57 11.31 35.66 2.96
N GLU D 58 10.54 36.24 3.88
CA GLU D 58 11.05 37.33 4.71
C GLU D 58 12.08 36.81 5.71
N MET D 59 11.79 35.68 6.35
CA MET D 59 12.77 35.05 7.25
C MET D 59 14.07 34.67 6.53
N LEU D 60 13.96 34.17 5.30
CA LEU D 60 15.12 33.86 4.46
C LEU D 60 15.87 35.14 4.08
N ASP D 61 15.15 36.16 3.64
CA ASP D 61 15.80 37.46 3.40
C ASP D 61 16.47 37.98 4.68
N ARG D 62 15.77 37.90 5.80
CA ARG D 62 16.30 38.42 7.06
C ARG D 62 17.41 37.56 7.67
N HIS D 63 17.16 36.26 7.77
CA HIS D 63 17.96 35.39 8.63
C HIS D 63 18.79 34.34 7.91
N HIS D 64 18.56 34.12 6.62
CA HIS D 64 19.39 33.18 5.83
C HIS D 64 20.50 33.96 5.12
N THR D 65 21.56 34.25 5.89
CA THR D 65 22.66 35.12 5.48
C THR D 65 23.73 34.46 4.58
N HIS D 66 23.98 33.16 4.80
CA HIS D 66 25.14 32.49 4.21
C HIS D 66 24.73 31.62 3.00
N PHE D 67 24.29 32.26 1.92
CA PHE D 67 23.72 31.53 0.77
C PHE D 67 24.73 31.27 -0.35
N SER D 68 25.86 31.96 -0.31
CA SER D 68 26.94 31.71 -1.25
C SER D 68 28.24 31.48 -0.48
N PRO D 69 29.23 30.86 -1.13
CA PRO D 69 30.54 30.69 -0.49
C PRO D 69 31.28 32.01 -0.27
N LEU D 70 31.82 32.18 0.95
CA LEU D 70 32.76 33.24 1.23
C LEU D 70 34.05 33.02 0.43
N GLU D 71 34.81 34.08 0.25
CA GLU D 71 36.12 34.09 -0.45
C GLU D 71 36.66 32.72 -0.92
N GLY D 72 37.79 32.27 -0.35
CA GLY D 72 38.21 30.88 -0.50
C GLY D 72 37.71 30.05 0.65
N GLU D 73 36.39 29.83 0.69
CA GLU D 73 35.76 28.94 1.67
C GLU D 73 35.64 27.55 1.06
N SER D 74 35.95 26.53 1.87
CA SER D 74 35.83 25.15 1.43
C SER D 74 34.38 24.78 1.29
N TRP D 75 34.06 23.90 0.35
CA TRP D 75 32.69 23.44 0.15
C TRP D 75 32.09 22.76 1.38
N GLN D 76 32.95 22.22 2.24
CA GLN D 76 32.49 21.68 3.51
C GLN D 76 32.04 22.82 4.43
N ASP D 77 32.89 23.84 4.61
CA ASP D 77 32.57 24.96 5.48
C ASP D 77 31.36 25.74 4.96
N PHE D 78 31.24 25.87 3.64
CA PHE D 78 30.06 26.49 3.03
C PHE D 78 28.79 25.68 3.28
N LEU D 79 28.86 24.37 3.06
CA LEU D 79 27.70 23.51 3.26
C LEU D 79 27.20 23.62 4.71
N ARG D 80 28.11 23.54 5.66
CA ARG D 80 27.79 23.70 7.07
C ARG D 80 27.10 25.03 7.35
N ASN D 81 27.76 26.12 6.93
CA ASN D 81 27.31 27.47 7.26
C ASN D 81 25.99 27.84 6.58
N ASN D 82 25.83 27.36 5.35
CA ASN D 82 24.60 27.51 4.60
C ASN D 82 23.43 26.78 5.28
N ALA D 83 23.72 25.61 5.85
CA ALA D 83 22.71 24.83 6.56
C ALA D 83 22.37 25.48 7.91
N LYS D 84 23.39 25.87 8.66
CA LYS D 84 23.18 26.57 9.92
C LYS D 84 22.33 27.82 9.68
N SER D 85 22.66 28.55 8.63
CA SER D 85 21.97 29.76 8.22
C SER D 85 20.52 29.51 7.85
N PHE D 86 20.28 28.47 7.06
CA PHE D 86 18.92 28.06 6.69
C PHE D 86 18.15 27.80 7.97
N ARG D 87 18.71 26.98 8.85
CA ARG D 87 18.08 26.63 10.12
C ARG D 87 17.75 27.86 10.97
N ASN D 88 18.69 28.79 11.06
CA ASN D 88 18.48 30.03 11.81
C ASN D 88 17.22 30.75 11.35
N ALA D 89 17.02 30.80 10.03
CA ALA D 89 15.85 31.44 9.45
C ALA D 89 14.57 30.73 9.87
N LEU D 90 14.59 29.40 9.83
CA LEU D 90 13.41 28.59 10.16
C LEU D 90 13.06 28.74 11.65
N LEU D 91 14.09 28.74 12.49
CA LEU D 91 13.92 28.91 13.93
C LEU D 91 13.54 30.32 14.38
N SER D 92 13.61 31.31 13.48
CA SER D 92 13.49 32.71 13.89
C SER D 92 12.09 33.04 14.44
N HIS D 93 11.06 32.45 13.84
CA HIS D 93 9.69 32.74 14.25
C HIS D 93 8.97 31.45 14.57
N ARG D 94 7.81 31.58 15.21
CA ARG D 94 7.03 30.42 15.61
C ARG D 94 6.48 29.67 14.38
N ASP D 95 6.54 28.34 14.44
CA ASP D 95 6.17 27.43 13.32
C ASP D 95 6.91 27.76 12.01
N GLY D 96 8.13 28.27 12.14
CA GLY D 96 8.90 28.75 10.99
C GLY D 96 9.17 27.73 9.90
N ALA D 97 9.37 26.47 10.29
CA ALA D 97 9.65 25.40 9.32
C ALA D 97 8.38 24.99 8.58
N LYS D 98 7.25 24.94 9.28
CA LYS D 98 5.95 24.73 8.64
C LYS D 98 5.58 25.87 7.69
N VAL D 99 5.81 27.11 8.14
CA VAL D 99 5.57 28.29 7.31
C VAL D 99 6.34 28.14 5.99
N HIS D 100 7.55 27.59 6.09
CA HIS D 100 8.44 27.39 4.95
C HIS D 100 7.89 26.44 3.89
N LEU D 101 7.18 25.41 4.32
CA LEU D 101 6.63 24.41 3.39
C LEU D 101 5.80 25.05 2.28
N GLY D 102 6.19 24.79 1.02
CA GLY D 102 5.40 25.23 -0.13
C GLY D 102 5.73 26.60 -0.72
N THR D 103 6.74 27.26 -0.16
CA THR D 103 7.21 28.57 -0.64
C THR D 103 7.62 28.52 -2.13
N ARG D 104 7.07 29.41 -2.95
CA ARG D 104 7.35 29.43 -4.38
C ARG D 104 8.71 30.06 -4.68
N PRO D 105 9.36 29.65 -5.78
CA PRO D 105 10.71 30.10 -6.09
C PRO D 105 10.78 31.58 -6.50
N THR D 106 11.96 32.18 -6.35
CA THR D 106 12.16 33.58 -6.73
C THR D 106 13.43 33.74 -7.56
N GLU D 107 13.63 34.93 -8.11
CA GLU D 107 14.84 35.25 -8.87
C GLU D 107 16.09 35.18 -8.00
N LYS D 108 15.97 35.61 -6.75
CA LYS D 108 17.06 35.51 -5.77
C LYS D 108 17.43 34.05 -5.56
N GLN D 109 16.46 33.22 -5.19
CA GLN D 109 16.71 31.79 -4.95
C GLN D 109 17.39 31.12 -6.13
N TYR D 110 16.99 31.52 -7.33
CA TYR D 110 17.54 30.94 -8.56
C TYR D 110 18.98 31.41 -8.85
N GLU D 111 19.22 32.71 -8.73
CA GLU D 111 20.56 33.27 -8.86
C GLU D 111 21.49 32.65 -7.80
N THR D 112 20.95 32.49 -6.59
CA THR D 112 21.66 31.83 -5.51
C THR D 112 21.95 30.36 -5.80
N LEU D 113 20.94 29.61 -6.23
CA LEU D 113 21.08 28.17 -6.53
C LEU D 113 22.07 27.90 -7.68
N GLU D 114 22.02 28.74 -8.72
CA GLU D 114 22.97 28.71 -9.83
C GLU D 114 24.41 28.80 -9.31
N ASN D 115 24.67 29.86 -8.56
CA ASN D 115 25.97 30.14 -7.98
C ASN D 115 26.45 29.02 -7.08
N GLN D 116 25.53 28.40 -6.33
CA GLN D 116 25.87 27.23 -5.52
C GLN D 116 26.24 26.02 -6.38
N LEU D 117 25.55 25.84 -7.49
CA LEU D 117 25.84 24.72 -8.41
C LEU D 117 27.18 24.91 -9.13
N ALA D 118 27.42 26.11 -9.64
CA ALA D 118 28.71 26.43 -10.29
C ALA D 118 29.88 26.28 -9.32
N PHE D 119 29.66 26.69 -8.07
CA PHE D 119 30.63 26.48 -7.00
C PHE D 119 31.00 25.00 -6.82
N LEU D 120 30.01 24.16 -6.54
CA LEU D 120 30.27 22.74 -6.25
C LEU D 120 30.83 21.93 -7.44
N THR D 121 30.38 22.21 -8.66
CA THR D 121 30.95 21.54 -9.83
C THR D 121 32.41 21.92 -10.07
N GLN D 122 32.77 23.19 -9.84
CA GLN D 122 34.17 23.61 -9.88
C GLN D 122 35.01 22.88 -8.80
N GLN D 123 34.35 22.45 -7.72
CA GLN D 123 35.00 21.68 -6.64
C GLN D 123 35.08 20.16 -6.91
N GLY D 124 34.52 19.72 -8.03
CA GLY D 124 34.66 18.31 -8.44
C GLY D 124 33.37 17.52 -8.41
N PHE D 125 32.26 18.14 -8.00
CA PHE D 125 30.95 17.46 -8.02
C PHE D 125 30.45 17.40 -9.46
N SER D 126 29.71 16.35 -9.78
CA SER D 126 28.93 16.35 -11.02
C SER D 126 27.74 17.26 -10.81
N LEU D 127 27.14 17.71 -11.90
CA LEU D 127 26.02 18.62 -11.79
C LEU D 127 24.87 17.98 -11.03
N GLU D 128 24.65 16.68 -11.28
CA GLU D 128 23.62 15.89 -10.57
C GLU D 128 23.93 15.72 -9.08
N ASN D 129 25.16 15.37 -8.73
CA ASN D 129 25.53 15.17 -7.32
C ASN D 129 25.59 16.48 -6.52
N ALA D 130 25.96 17.58 -7.18
CA ALA D 130 25.90 18.91 -6.58
C ALA D 130 24.48 19.25 -6.16
N LEU D 131 23.54 19.01 -7.06
CA LEU D 131 22.13 19.21 -6.82
C LEU D 131 21.58 18.28 -5.73
N TYR D 132 21.98 17.00 -5.79
CA TYR D 132 21.58 16.02 -4.77
C TYR D 132 22.19 16.36 -3.42
N ALA D 133 23.40 16.92 -3.41
CA ALA D 133 24.05 17.30 -2.15
C ALA D 133 23.29 18.43 -1.47
N LEU D 134 22.97 19.49 -2.24
CA LEU D 134 22.24 20.67 -1.72
C LEU D 134 20.84 20.29 -1.22
N SER D 135 20.14 19.42 -1.98
CA SER D 135 18.82 18.92 -1.58
C SER D 135 18.87 18.14 -0.29
N ALA D 136 19.79 17.20 -0.19
CA ALA D 136 19.87 16.33 0.98
C ALA D 136 20.13 17.16 2.23
N VAL D 137 20.97 18.17 2.11
CA VAL D 137 21.26 19.05 3.25
C VAL D 137 19.99 19.85 3.64
N GLY D 138 19.31 20.41 2.64
CA GLY D 138 18.10 21.22 2.87
C GLY D 138 17.03 20.41 3.55
N HIS D 139 16.78 19.22 3.01
CA HIS D 139 15.83 18.27 3.58
C HIS D 139 16.19 17.86 4.98
N PHE D 140 17.47 17.59 5.22
CA PHE D 140 17.88 17.21 6.57
C PHE D 140 17.55 18.35 7.54
N THR D 141 17.96 19.56 7.17
CA THR D 141 17.79 20.75 8.00
C THR D 141 16.31 21.09 8.27
N LEU D 142 15.46 20.99 7.25
CA LEU D 142 14.03 21.27 7.41
C LEU D 142 13.35 20.23 8.29
N GLY D 143 13.58 18.94 8.03
CA GLY D 143 12.98 17.87 8.83
C GLY D 143 13.39 18.04 10.27
N SER D 144 14.64 18.45 10.44
CA SER D 144 15.24 18.66 11.74
C SER D 144 14.55 19.77 12.52
N VAL D 145 14.25 20.90 11.87
CA VAL D 145 13.56 21.99 12.55
C VAL D 145 12.10 21.65 12.78
N LEU D 146 11.48 20.96 11.84
CA LEU D 146 10.11 20.48 12.02
C LEU D 146 9.97 19.59 13.27
N GLU D 147 11.01 18.83 13.64
CA GLU D 147 10.92 18.05 14.88
C GLU D 147 11.21 18.92 16.11
N ASP D 148 12.13 19.87 15.96
CA ASP D 148 12.50 20.78 17.03
C ASP D 148 11.33 21.69 17.39
N GLN D 149 10.81 22.42 16.42
CA GLN D 149 9.65 23.27 16.66
C GLN D 149 8.47 22.46 17.19
N GLU D 150 8.24 21.28 16.65
CA GLU D 150 7.17 20.41 17.16
C GLU D 150 7.40 20.02 18.62
N HIS D 151 8.65 19.73 18.99
CA HIS D 151 8.98 19.34 20.37
C HIS D 151 8.78 20.48 21.36
N GLN D 152 9.11 21.70 20.96
CA GLN D 152 8.85 22.88 21.78
C GLN D 152 7.35 23.01 22.06
N VAL D 153 6.51 22.59 21.12
CA VAL D 153 5.05 22.59 21.31
C VAL D 153 4.62 21.54 22.34
N ALA D 154 5.44 20.52 22.57
CA ALA D 154 5.18 19.54 23.64
C ALA D 154 5.26 20.11 25.06
N LYS D 155 5.43 21.43 25.19
CA LYS D 155 5.29 22.16 26.46
C LYS D 155 3.93 22.87 26.59
N GLU D 156 3.10 22.74 25.55
CA GLU D 156 1.70 23.15 25.62
C GLU D 156 0.86 21.96 26.08
N GLY D 181 20.92 20.75 23.65
CA GLY D 181 19.49 20.60 23.37
C GLY D 181 19.19 19.70 22.18
N ALA D 182 18.80 20.32 21.05
CA ALA D 182 18.55 19.64 19.76
C ALA D 182 19.55 20.02 18.66
N GLU D 183 20.38 21.02 18.93
CA GLU D 183 21.42 21.43 18.01
C GLU D 183 22.49 20.34 17.87
N PRO D 184 22.87 19.66 18.97
CA PRO D 184 23.86 18.58 18.85
C PRO D 184 23.51 17.52 17.81
N ALA D 185 22.26 17.05 17.81
CA ALA D 185 21.82 16.05 16.83
C ALA D 185 21.91 16.62 15.41
N PHE D 186 21.54 17.89 15.27
CA PHE D 186 21.64 18.63 14.03
C PHE D 186 23.07 18.72 13.52
N LEU D 187 23.97 19.18 14.38
CA LEU D 187 25.37 19.34 14.00
C LEU D 187 26.00 18.01 13.56
N HIS D 188 25.62 16.94 14.24
CA HIS D 188 26.15 15.61 13.95
C HIS D 188 25.69 15.15 12.58
N GLY D 189 24.37 15.07 12.40
CA GLY D 189 23.80 14.57 11.14
C GLY D 189 24.25 15.37 9.94
N LEU D 190 24.51 16.65 10.16
CA LEU D 190 25.10 17.53 9.16
C LEU D 190 26.52 17.07 8.78
N GLU D 191 27.35 16.79 9.78
CA GLU D 191 28.66 16.19 9.54
C GLU D 191 28.55 14.86 8.79
N SER D 192 27.54 14.06 9.08
CA SER D 192 27.38 12.76 8.43
C SER D 192 27.20 12.94 6.91
N LEU D 193 26.37 13.89 6.51
CA LEU D 193 26.18 14.17 5.08
C LEU D 193 27.47 14.63 4.43
N ILE D 194 28.23 15.47 5.12
CA ILE D 194 29.53 15.95 4.60
C ILE D 194 30.59 14.84 4.50
N ARG D 195 30.70 13.97 5.50
CA ARG D 195 31.53 12.76 5.35
C ARG D 195 31.08 11.94 4.13
N GLY D 196 29.77 11.69 4.03
CA GLY D 196 29.19 11.00 2.87
C GLY D 196 29.67 11.58 1.56
N PHE D 197 29.61 12.92 1.46
CA PHE D 197 29.98 13.62 0.22
C PHE D 197 31.47 13.53 -0.09
N GLU D 198 32.30 13.83 0.90
CA GLU D 198 33.74 13.62 0.78
C GLU D 198 34.06 12.20 0.30
N VAL D 199 33.31 11.21 0.76
CA VAL D 199 33.60 9.82 0.38
C VAL D 199 33.27 9.59 -1.10
N GLN D 200 32.11 10.06 -1.57
CA GLN D 200 31.81 9.91 -3.00
C GLN D 200 32.86 10.67 -3.86
N LEU D 201 33.32 11.81 -3.34
CA LEU D 201 34.31 12.62 -4.03
C LEU D 201 35.61 11.86 -4.25
N THR D 202 36.00 11.01 -3.30
CA THR D 202 37.25 10.28 -3.38
C THR D 202 37.15 8.87 -3.98
N ALA D 203 35.93 8.44 -4.33
CA ALA D 203 35.72 7.15 -4.99
C ALA D 203 36.12 7.27 -6.45
N LEU D 204 36.61 6.18 -7.03
CA LEU D 204 36.93 6.19 -8.47
C LEU D 204 35.69 5.94 -9.30
N LEU D 205 35.03 4.81 -9.03
CA LEU D 205 33.85 4.37 -9.78
C LEU D 205 34.06 4.45 -11.31
#